data_7EGV
#
_entry.id   7EGV
#
_cell.length_a   165.040
_cell.length_b   79.910
_cell.length_c   111.860
_cell.angle_alpha   90.000
_cell.angle_beta   103.103
_cell.angle_gamma   90.000
#
_symmetry.space_group_name_H-M   'C 1 2 1'
#
loop_
_entity.id
_entity.type
_entity.pdbx_description
1 polymer 'Acetolactate synthase'
2 non-polymer 'MAGNESIUM ION'
3 non-polymer '2-{3-[(4-AMINO-2-METHYLPYRIMIDIN-5-YL)METHYL]-4-METHYL-2-OXO-2,3-DIHYDRO-1,3-THIAZOL-5-YL}ETHYL TRIHYDROGEN DIPHOSPHATE'
4 non-polymer 'FLAVIN-ADENINE DINUCLEOTIDE'
5 non-polymer 'SULFATE ION'
6 non-polymer DI(HYDROXYETHYL)ETHER
7 non-polymer 1,2-ETHANEDIOL
8 non-polymer 'PHOSPHATE ION'
9 non-polymer '(2S)-3-methyl-2-[[(2S,4R)-1-methyl-4-[(2E,4E)-octa-2,4-dienoyl]-3,5-bis(oxidanylidene)pyrrolidin-2-yl]methyl]-2-oxidanyl-butanoic acid'
10 water water
#
_entity_poly.entity_id   1
_entity_poly.type   'polypeptide(L)'
_entity_poly.pdbx_seq_one_letter_code
;MHHHHHHSSGLVPRGSGMKETAAAKFERQHMDSPDLGTDDDDKAMADIGSMRPVPSPAFNTADNDRSHVQPLVNPQRPDM
DESFIGKSGGEIFHEMMLRQGVKHIFGYPGGAILPVFDAIYNSKHFDFILPRHEQGAGHMAEGYARASGKPGVVVVTSGP
GATNVITPMQDALSDGTPMVVFCGQVPTAAIGSDAFQEADVVGISRACTKWNVMVKSVAELPRRINEAFEIATSGRPGPV
LVDLPKDVTAGILRRAIPTDTALPTLPSAATRAAKELSTQQLNASIKRAADLINMGKKPVIYAGQGVIQSEGGPELLKEL
ADKASIPVTTTLHGLGAFDELDEKSLHMLGMHGAAYANMAMQQADVIIALGSRFDDRVTGVVSKFAPAARQAAAEGRGGI
IHFEIMPKNINKVVQATEAVEGDVGANMKLLIPQVKAKTMEDRKEWFDAIKGWKKKYPLSHYQRAERTGLIKPQTVMEEI
SNLTADRKDKTYIATGVGQHQMWVAQHFRWRHPRSMITSGGLGTMGYGLPAAIGAKVAQPDALVIDVDGDASFNMTLTEL
STAAQFNIGVKVVVLNNEEQGMVTQWQNLFYEDRYSHTHQRNPDFMKLADAMGIQHQRVAEPDKLVDALKWLINTDGPAL
LEVVTDKKVPVLPMVPAGSALHEFLVFDPEKDKQRRELMKERTKGVHS
;
_entity_poly.pdbx_strand_id   A,B
#
# COMPACT_ATOMS: atom_id res chain seq x y z
N ASP A 81 -18.37 -30.39 -15.63
CA ASP A 81 -19.29 -30.35 -16.77
C ASP A 81 -20.69 -30.60 -16.25
N GLU A 82 -21.59 -29.64 -16.49
CA GLU A 82 -23.02 -29.79 -16.19
C GLU A 82 -23.31 -29.94 -14.69
N SER A 83 -22.29 -30.15 -13.85
CA SER A 83 -22.51 -30.29 -12.41
C SER A 83 -22.76 -28.96 -11.70
N PHE A 84 -22.32 -27.82 -12.29
CA PHE A 84 -22.42 -26.51 -11.67
C PHE A 84 -23.66 -25.73 -12.08
N ILE A 85 -24.55 -26.32 -12.90
CA ILE A 85 -25.71 -25.61 -13.40
C ILE A 85 -26.67 -25.28 -12.26
N GLY A 86 -27.19 -24.05 -12.26
CA GLY A 86 -28.09 -23.57 -11.25
C GLY A 86 -27.43 -22.74 -10.16
N LYS A 87 -26.13 -22.95 -9.92
CA LYS A 87 -25.43 -22.28 -8.84
C LYS A 87 -25.00 -20.87 -9.24
N SER A 88 -24.86 -20.00 -8.26
CA SER A 88 -24.34 -18.67 -8.55
C SER A 88 -22.83 -18.70 -8.67
N GLY A 89 -22.28 -17.66 -9.28
CA GLY A 89 -20.84 -17.53 -9.34
C GLY A 89 -20.18 -17.63 -7.98
N GLY A 90 -20.84 -17.11 -6.95
CA GLY A 90 -20.31 -17.24 -5.60
C GLY A 90 -20.27 -18.69 -5.16
N GLU A 91 -21.38 -19.40 -5.34
CA GLU A 91 -21.38 -20.81 -4.96
C GLU A 91 -20.35 -21.58 -5.77
N ILE A 92 -20.16 -21.22 -7.03
CA ILE A 92 -19.19 -21.92 -7.88
C ILE A 92 -17.78 -21.69 -7.35
N PHE A 93 -17.45 -20.43 -7.06
CA PHE A 93 -16.21 -20.11 -6.36
C PHE A 93 -16.04 -20.99 -5.12
N HIS A 94 -17.06 -21.01 -4.26
CA HIS A 94 -17.03 -21.82 -3.05
C HIS A 94 -16.58 -23.25 -3.33
N GLU A 95 -17.01 -23.82 -4.45
CA GLU A 95 -16.63 -25.20 -4.69
C GLU A 95 -15.24 -25.32 -5.29
N MET A 96 -14.83 -24.36 -6.13
CA MET A 96 -13.47 -24.40 -6.65
C MET A 96 -12.46 -24.30 -5.51
N MET A 97 -12.82 -23.64 -4.42
CA MET A 97 -11.95 -23.65 -3.26
C MET A 97 -11.78 -25.07 -2.73
N LEU A 98 -12.90 -25.80 -2.59
CA LEU A 98 -12.81 -27.22 -2.18
C LEU A 98 -11.93 -28.02 -3.14
N ARG A 99 -12.19 -27.92 -4.43
CA ARG A 99 -11.44 -28.72 -5.39
C ARG A 99 -9.97 -28.30 -5.47
N GLN A 100 -9.59 -27.19 -4.86
CA GLN A 100 -8.20 -26.76 -4.85
C GLN A 100 -7.55 -26.97 -3.50
N GLY A 101 -8.25 -27.64 -2.58
CA GLY A 101 -7.66 -27.96 -1.29
C GLY A 101 -7.46 -26.77 -0.38
N VAL A 102 -8.17 -25.67 -0.64
CA VAL A 102 -8.00 -24.45 0.14
C VAL A 102 -8.71 -24.63 1.48
N LYS A 103 -7.95 -24.50 2.56
CA LYS A 103 -8.48 -24.59 3.90
C LYS A 103 -8.45 -23.25 4.63
N HIS A 104 -7.75 -22.26 4.10
CA HIS A 104 -7.50 -21.01 4.79
C HIS A 104 -7.59 -19.86 3.78
N ILE A 105 -8.40 -18.86 4.09
CA ILE A 105 -8.60 -17.71 3.21
C ILE A 105 -8.47 -16.44 4.04
N PHE A 106 -7.73 -15.47 3.50
CA PHE A 106 -7.50 -14.18 4.11
C PHE A 106 -8.19 -13.13 3.25
N GLY A 107 -8.91 -12.21 3.87
CA GLY A 107 -9.68 -11.29 3.05
C GLY A 107 -10.42 -10.29 3.88
N TYR A 108 -11.18 -9.44 3.17
CA TYR A 108 -11.83 -8.24 3.72
C TYR A 108 -12.99 -7.83 2.82
N PRO A 109 -14.21 -7.66 3.35
CA PRO A 109 -15.39 -7.51 2.51
C PRO A 109 -15.54 -6.14 1.86
N GLY A 110 -16.36 -6.11 0.81
CA GLY A 110 -16.78 -4.88 0.18
C GLY A 110 -17.99 -5.16 -0.67
N GLY A 111 -18.51 -4.10 -1.29
CA GLY A 111 -19.74 -4.27 -2.05
C GLY A 111 -19.56 -5.18 -3.26
N ALA A 112 -18.47 -4.97 -4.02
CA ALA A 112 -18.30 -5.68 -5.27
C ALA A 112 -18.00 -7.16 -5.05
N ILE A 113 -17.49 -7.56 -3.89
CA ILE A 113 -17.16 -8.96 -3.63
C ILE A 113 -18.18 -9.64 -2.72
N LEU A 114 -19.23 -8.95 -2.30
CA LEU A 114 -20.22 -9.57 -1.40
C LEU A 114 -20.76 -10.90 -1.91
N PRO A 115 -21.08 -11.08 -3.20
CA PRO A 115 -21.48 -12.42 -3.66
C PRO A 115 -20.48 -13.51 -3.28
N VAL A 116 -19.18 -13.30 -3.55
CA VAL A 116 -18.19 -14.28 -3.12
C VAL A 116 -18.17 -14.37 -1.61
N PHE A 117 -18.33 -13.22 -0.93
CA PHE A 117 -18.15 -13.19 0.51
C PHE A 117 -19.28 -13.92 1.23
N ASP A 118 -20.53 -13.64 0.84
CA ASP A 118 -21.66 -14.40 1.34
C ASP A 118 -21.42 -15.90 1.22
N ALA A 119 -20.94 -16.34 0.05
CA ALA A 119 -20.70 -17.75 -0.21
C ALA A 119 -19.77 -18.38 0.82
N ILE A 120 -18.56 -17.84 0.98
CA ILE A 120 -17.49 -18.59 1.63
C ILE A 120 -17.37 -18.24 3.11
N TYR A 121 -17.61 -16.98 3.48
CA TYR A 121 -17.82 -16.69 4.89
C TYR A 121 -18.99 -17.53 5.39
N ASN A 122 -18.89 -17.99 6.65
CA ASN A 122 -19.87 -18.83 7.34
C ASN A 122 -19.68 -20.30 6.99
N SER A 123 -18.94 -20.60 5.92
CA SER A 123 -18.68 -21.97 5.53
C SER A 123 -17.80 -22.70 6.54
N LYS A 124 -18.15 -23.94 6.85
CA LYS A 124 -17.32 -24.77 7.73
C LYS A 124 -16.15 -25.42 7.00
N HIS A 125 -16.00 -25.21 5.69
CA HIS A 125 -14.89 -25.75 4.92
C HIS A 125 -13.63 -24.90 5.01
N PHE A 126 -13.74 -23.62 5.39
CA PHE A 126 -12.61 -22.72 5.40
C PHE A 126 -12.48 -22.03 6.74
N ASP A 127 -11.25 -21.79 7.12
CA ASP A 127 -10.86 -20.76 8.08
C ASP A 127 -10.77 -19.42 7.37
N PHE A 128 -11.63 -18.46 7.74
CA PHE A 128 -11.54 -17.13 7.14
C PHE A 128 -10.92 -16.19 8.16
N ILE A 129 -9.81 -15.57 7.80
CA ILE A 129 -9.13 -14.60 8.66
C ILE A 129 -9.41 -13.19 8.13
N LEU A 130 -10.01 -12.34 8.96
CA LEU A 130 -10.34 -10.99 8.54
C LEU A 130 -9.39 -10.01 9.21
N PRO A 131 -8.41 -9.46 8.50
CA PRO A 131 -7.44 -8.58 9.16
C PRO A 131 -7.99 -7.18 9.25
N ARG A 132 -7.13 -6.20 9.54
CA ARG A 132 -7.52 -4.80 9.61
C ARG A 132 -7.30 -4.07 8.29
N HIS A 133 -6.35 -4.56 7.49
CA HIS A 133 -5.87 -3.89 6.29
C HIS A 133 -5.60 -4.97 5.27
N GLU A 134 -6.05 -4.75 4.02
CA GLU A 134 -5.85 -5.78 3.00
C GLU A 134 -4.37 -6.09 2.79
N GLN A 135 -3.47 -5.12 3.07
CA GLN A 135 -2.04 -5.42 3.03
C GLN A 135 -1.71 -6.53 4.01
N GLY A 136 -2.28 -6.45 5.23
CA GLY A 136 -2.16 -7.55 6.16
C GLY A 136 -2.67 -8.85 5.56
N ALA A 137 -3.84 -8.80 4.94
CA ALA A 137 -4.35 -9.98 4.26
C ALA A 137 -3.32 -10.58 3.30
N GLY A 138 -2.65 -9.75 2.50
CA GLY A 138 -1.69 -10.27 1.54
C GLY A 138 -0.45 -10.86 2.18
N HIS A 139 0.18 -10.12 3.09
CA HIS A 139 1.38 -10.65 3.73
C HIS A 139 1.06 -11.91 4.54
N MET A 140 -0.09 -11.91 5.24
CA MET A 140 -0.56 -13.13 5.89
C MET A 140 -0.58 -14.29 4.90
N ALA A 141 -1.19 -14.07 3.72
CA ALA A 141 -1.23 -15.13 2.72
C ALA A 141 0.16 -15.55 2.30
N GLU A 142 1.11 -14.60 2.25
CA GLU A 142 2.50 -14.93 1.95
C GLU A 142 3.13 -15.83 3.03
N GLY A 143 3.03 -15.43 4.31
CA GLY A 143 3.58 -16.24 5.38
C GLY A 143 2.93 -17.60 5.51
N TYR A 144 1.61 -17.66 5.29
CA TYR A 144 0.94 -18.96 5.19
C TYR A 144 1.54 -19.82 4.09
N ALA A 145 1.87 -19.21 2.94
CA ALA A 145 2.41 -19.98 1.83
C ALA A 145 3.87 -20.35 2.08
N ARG A 146 4.59 -19.53 2.83
CA ARG A 146 5.99 -19.86 3.09
C ARG A 146 6.08 -21.02 4.06
N ALA A 147 5.21 -21.04 5.07
CA ALA A 147 5.28 -22.07 6.09
C ALA A 147 4.62 -23.39 5.67
N SER A 148 3.90 -23.44 4.56
CA SER A 148 3.10 -24.60 4.24
C SER A 148 3.33 -25.16 2.85
N GLY A 149 4.05 -24.46 1.98
CA GLY A 149 4.12 -24.85 0.58
C GLY A 149 2.81 -24.77 -0.17
N LYS A 150 1.64 -24.45 0.55
CA LYS A 150 0.37 -24.27 -0.15
C LYS A 150 0.19 -22.82 -0.57
N PRO A 151 -0.58 -22.53 -1.61
CA PRO A 151 -0.76 -21.13 -2.02
C PRO A 151 -1.62 -20.37 -1.03
N GLY A 152 -1.23 -19.11 -0.79
CA GLY A 152 -2.08 -18.21 -0.02
C GLY A 152 -3.21 -17.66 -0.88
N VAL A 153 -4.39 -17.59 -0.29
CA VAL A 153 -5.60 -17.19 -1.00
C VAL A 153 -6.12 -15.93 -0.35
N VAL A 154 -6.30 -14.88 -1.14
CA VAL A 154 -6.74 -13.56 -0.70
C VAL A 154 -8.06 -13.23 -1.39
N VAL A 155 -9.02 -12.70 -0.63
CA VAL A 155 -10.32 -12.28 -1.18
C VAL A 155 -10.63 -10.87 -0.67
N VAL A 156 -10.64 -9.89 -1.58
CA VAL A 156 -10.85 -8.49 -1.23
C VAL A 156 -11.84 -7.89 -2.22
N THR A 157 -12.30 -6.68 -1.89
CA THR A 157 -13.24 -5.99 -2.77
C THR A 157 -12.49 -5.24 -3.87
N SER A 158 -13.24 -4.52 -4.72
CA SER A 158 -12.66 -3.77 -5.83
C SER A 158 -11.91 -2.53 -5.33
N GLY A 159 -11.35 -1.78 -6.28
CA GLY A 159 -10.78 -0.48 -6.01
C GLY A 159 -9.77 -0.48 -4.87
N PRO A 160 -10.08 0.21 -3.78
CA PRO A 160 -9.08 0.28 -2.69
C PRO A 160 -8.81 -1.06 -2.07
N GLY A 161 -9.76 -1.99 -2.17
CA GLY A 161 -9.48 -3.35 -1.69
C GLY A 161 -8.34 -4.00 -2.44
N ALA A 162 -8.39 -3.92 -3.77
CA ALA A 162 -7.38 -4.54 -4.61
C ALA A 162 -6.08 -3.75 -4.61
N THR A 163 -6.13 -2.41 -4.64
CA THR A 163 -4.86 -1.70 -4.68
C THR A 163 -4.08 -1.88 -3.38
N ASN A 164 -4.77 -2.08 -2.26
CA ASN A 164 -4.07 -2.32 -1.01
C ASN A 164 -3.31 -3.64 -0.99
N VAL A 165 -3.55 -4.52 -1.94
CA VAL A 165 -2.83 -5.78 -2.05
C VAL A 165 -1.66 -5.70 -3.05
N ILE A 166 -1.38 -4.52 -3.61
CA ILE A 166 -0.40 -4.48 -4.69
C ILE A 166 1.01 -4.74 -4.17
N THR A 167 1.35 -4.20 -2.97
CA THR A 167 2.66 -4.48 -2.37
C THR A 167 2.82 -5.96 -2.01
N PRO A 168 1.86 -6.62 -1.34
CA PRO A 168 2.01 -8.07 -1.16
C PRO A 168 2.22 -8.82 -2.46
N MET A 169 1.54 -8.37 -3.52
CA MET A 169 1.66 -9.03 -4.82
C MET A 169 3.06 -8.89 -5.38
N GLN A 170 3.59 -7.66 -5.40
CA GLN A 170 4.94 -7.44 -5.88
C GLN A 170 5.96 -8.21 -5.03
N ASP A 171 5.80 -8.12 -3.70
CA ASP A 171 6.64 -8.86 -2.76
C ASP A 171 6.62 -10.36 -3.07
N ALA A 172 5.45 -10.91 -3.37
CA ALA A 172 5.36 -12.34 -3.66
C ALA A 172 5.97 -12.67 -5.01
N LEU A 173 5.82 -11.77 -5.99
CA LEU A 173 6.43 -11.99 -7.29
C LEU A 173 7.94 -12.04 -7.16
N SER A 174 8.49 -11.09 -6.38
CA SER A 174 9.94 -10.99 -6.19
C SER A 174 10.52 -12.15 -5.39
N ASP A 175 9.75 -12.73 -4.46
CA ASP A 175 10.24 -13.90 -3.72
C ASP A 175 9.59 -15.20 -4.17
N GLY A 176 8.91 -15.22 -5.31
CA GLY A 176 8.34 -16.48 -5.79
C GLY A 176 7.40 -17.15 -4.82
N THR A 177 6.49 -16.38 -4.18
CA THR A 177 5.52 -16.99 -3.28
C THR A 177 4.22 -17.24 -4.01
N PRO A 178 3.70 -18.47 -3.97
CA PRO A 178 2.40 -18.75 -4.61
C PRO A 178 1.27 -18.08 -3.85
N MET A 179 0.40 -17.37 -4.58
CA MET A 179 -0.62 -16.51 -4.02
C MET A 179 -1.68 -16.32 -5.10
N VAL A 180 -2.94 -16.40 -4.72
CA VAL A 180 -4.04 -16.17 -5.65
C VAL A 180 -4.90 -15.07 -5.05
N VAL A 181 -4.88 -13.91 -5.68
CA VAL A 181 -5.62 -12.76 -5.16
C VAL A 181 -6.91 -12.65 -5.94
N PHE A 182 -8.03 -12.91 -5.26
CA PHE A 182 -9.36 -12.71 -5.81
C PHE A 182 -9.89 -11.36 -5.33
N CYS A 183 -10.26 -10.49 -6.26
CA CYS A 183 -10.78 -9.18 -5.87
C CYS A 183 -12.06 -8.86 -6.63
N GLY A 184 -13.01 -8.28 -5.91
CA GLY A 184 -14.25 -7.83 -6.53
C GLY A 184 -14.00 -6.79 -7.60
N GLN A 185 -14.98 -6.65 -8.48
CA GLN A 185 -14.95 -5.61 -9.50
C GLN A 185 -16.39 -5.11 -9.68
N VAL A 186 -16.52 -3.94 -10.30
CA VAL A 186 -17.83 -3.38 -10.62
C VAL A 186 -18.45 -4.27 -11.68
N PRO A 187 -19.77 -4.23 -11.90
CA PRO A 187 -20.37 -5.09 -12.94
C PRO A 187 -19.79 -4.76 -14.31
N THR A 188 -19.71 -5.79 -15.17
CA THR A 188 -19.06 -5.65 -16.48
C THR A 188 -19.64 -4.49 -17.30
N ALA A 189 -20.93 -4.21 -17.17
CA ALA A 189 -21.52 -3.06 -17.85
C ALA A 189 -20.94 -1.73 -17.33
N ALA A 190 -20.47 -1.69 -16.09
CA ALA A 190 -19.98 -0.44 -15.53
C ALA A 190 -18.49 -0.22 -15.73
N ILE A 191 -17.76 -1.22 -16.23
CA ILE A 191 -16.30 -1.11 -16.34
C ILE A 191 -15.93 -0.07 -17.39
N GLY A 192 -14.93 0.75 -17.06
CA GLY A 192 -14.54 1.83 -17.92
C GLY A 192 -15.34 3.12 -17.76
N SER A 193 -16.28 3.17 -16.82
CA SER A 193 -17.11 4.35 -16.63
C SER A 193 -16.73 5.15 -15.39
N ASP A 194 -15.63 4.81 -14.71
CA ASP A 194 -15.25 5.40 -13.42
C ASP A 194 -16.34 5.18 -12.39
N ALA A 195 -16.94 4.01 -12.44
CA ALA A 195 -17.95 3.63 -11.47
C ALA A 195 -17.39 3.70 -10.05
N PHE A 196 -18.30 3.63 -9.08
CA PHE A 196 -17.94 3.65 -7.69
C PHE A 196 -16.96 2.51 -7.33
N GLN A 197 -15.83 2.88 -6.72
CA GLN A 197 -14.82 1.93 -6.27
C GLN A 197 -14.26 1.09 -7.42
N GLU A 198 -14.12 1.70 -8.59
CA GLU A 198 -13.58 1.04 -9.77
C GLU A 198 -12.13 1.45 -9.98
N ALA A 199 -11.28 0.46 -10.24
CA ALA A 199 -9.92 0.71 -10.66
C ALA A 199 -9.61 -0.23 -11.81
N ASP A 200 -8.62 0.16 -12.61
CA ASP A 200 -8.08 -0.73 -13.64
C ASP A 200 -7.09 -1.66 -12.95
N VAL A 201 -7.64 -2.65 -12.25
CA VAL A 201 -6.82 -3.49 -11.39
C VAL A 201 -6.00 -4.49 -12.20
N VAL A 202 -6.54 -5.03 -13.31
CA VAL A 202 -5.67 -5.90 -14.11
C VAL A 202 -4.58 -5.07 -14.76
N GLY A 203 -4.87 -3.82 -15.11
CA GLY A 203 -3.83 -2.96 -15.64
C GLY A 203 -2.79 -2.61 -14.60
N ILE A 204 -3.23 -2.28 -13.37
CA ILE A 204 -2.29 -1.88 -12.33
C ILE A 204 -1.42 -3.05 -11.90
N SER A 205 -2.01 -4.24 -11.82
CA SER A 205 -1.36 -5.41 -11.26
C SER A 205 -0.73 -6.31 -12.32
N ARG A 206 -0.76 -5.91 -13.60
CA ARG A 206 -0.11 -6.72 -14.63
C ARG A 206 1.39 -6.84 -14.37
N ALA A 207 2.04 -5.72 -14.09
CA ALA A 207 3.48 -5.75 -13.97
C ALA A 207 3.96 -6.44 -12.70
N CYS A 208 3.08 -6.68 -11.73
CA CYS A 208 3.50 -7.26 -10.46
C CYS A 208 2.78 -8.57 -10.16
N THR A 209 2.36 -9.30 -11.21
CA THR A 209 1.85 -10.65 -11.03
C THR A 209 2.46 -11.56 -12.10
N LYS A 210 2.45 -12.87 -11.81
CA LYS A 210 2.83 -13.85 -12.82
C LYS A 210 1.89 -13.78 -14.01
N TRP A 211 0.62 -13.47 -13.74
CA TRP A 211 -0.46 -13.54 -14.69
C TRP A 211 -1.72 -13.03 -13.98
N ASN A 212 -2.64 -12.49 -14.78
CA ASN A 212 -3.89 -12.00 -14.23
C ASN A 212 -4.93 -12.02 -15.34
N VAL A 213 -6.20 -12.01 -14.93
CA VAL A 213 -7.32 -12.17 -15.84
C VAL A 213 -8.53 -11.52 -15.20
N MET A 214 -9.42 -10.97 -16.02
CA MET A 214 -10.76 -10.62 -15.59
C MET A 214 -11.73 -11.68 -16.08
N VAL A 215 -12.54 -12.20 -15.16
CA VAL A 215 -13.55 -13.21 -15.46
C VAL A 215 -14.74 -12.50 -16.10
N LYS A 216 -15.07 -12.87 -17.33
CA LYS A 216 -16.07 -12.15 -18.13
C LYS A 216 -17.44 -12.82 -18.13
N SER A 217 -17.55 -14.04 -17.63
CA SER A 217 -18.84 -14.73 -17.61
C SER A 217 -18.75 -15.85 -16.60
N VAL A 218 -19.89 -16.14 -15.95
CA VAL A 218 -19.96 -17.22 -14.97
C VAL A 218 -19.37 -18.51 -15.53
N ALA A 219 -19.57 -18.77 -16.82
CA ALA A 219 -19.14 -20.06 -17.37
C ALA A 219 -17.63 -20.22 -17.35
N GLU A 220 -16.87 -19.14 -17.55
CA GLU A 220 -15.42 -19.26 -17.50
C GLU A 220 -14.86 -19.16 -16.09
N LEU A 221 -15.72 -19.12 -15.07
CA LEU A 221 -15.22 -19.01 -13.71
C LEU A 221 -14.42 -20.23 -13.27
N PRO A 222 -14.93 -21.47 -13.40
CA PRO A 222 -14.10 -22.63 -13.02
C PRO A 222 -12.77 -22.71 -13.77
N ARG A 223 -12.81 -22.54 -15.10
CA ARG A 223 -11.58 -22.63 -15.89
C ARG A 223 -10.55 -21.61 -15.42
N ARG A 224 -10.99 -20.42 -15.04
CA ARG A 224 -10.05 -19.36 -14.71
C ARG A 224 -9.47 -19.53 -13.30
N ILE A 225 -10.29 -19.95 -12.34
CA ILE A 225 -9.77 -20.31 -11.03
C ILE A 225 -8.75 -21.45 -11.15
N ASN A 226 -9.04 -22.43 -11.99
CA ASN A 226 -8.08 -23.51 -12.19
C ASN A 226 -6.77 -22.99 -12.76
N GLU A 227 -6.84 -22.23 -13.86
CA GLU A 227 -5.63 -21.68 -14.44
C GLU A 227 -4.83 -20.89 -13.42
N ALA A 228 -5.51 -20.04 -12.64
CA ALA A 228 -4.82 -19.20 -11.66
C ALA A 228 -4.05 -20.04 -10.65
N PHE A 229 -4.70 -21.03 -10.04
CA PHE A 229 -3.99 -21.90 -9.10
C PHE A 229 -2.86 -22.66 -9.80
N GLU A 230 -3.04 -22.99 -11.08
CA GLU A 230 -2.02 -23.70 -11.83
C GLU A 230 -0.78 -22.85 -12.04
N ILE A 231 -0.96 -21.58 -12.43
CA ILE A 231 0.15 -20.68 -12.70
C ILE A 231 0.86 -20.27 -11.41
N ALA A 232 0.09 -20.01 -10.34
CA ALA A 232 0.71 -19.60 -9.09
C ALA A 232 1.59 -20.70 -8.51
N THR A 233 1.28 -21.97 -8.78
CA THR A 233 2.04 -23.08 -8.20
C THR A 233 3.06 -23.71 -9.14
N SER A 234 2.97 -23.47 -10.46
CA SER A 234 3.91 -24.04 -11.41
C SER A 234 5.19 -23.21 -11.51
N GLY A 235 6.20 -23.81 -12.17
CA GLY A 235 7.46 -23.13 -12.47
C GLY A 235 8.04 -22.50 -11.23
N ARG A 236 8.58 -21.29 -11.39
CA ARG A 236 8.80 -20.49 -10.19
C ARG A 236 7.44 -20.03 -9.69
N PRO A 237 7.00 -20.42 -8.51
CA PRO A 237 5.70 -19.96 -8.01
C PRO A 237 5.66 -18.45 -7.88
N GLY A 238 4.44 -17.90 -7.80
CA GLY A 238 4.26 -16.47 -7.76
C GLY A 238 2.79 -16.10 -7.66
N PRO A 239 2.49 -14.81 -7.60
CA PRO A 239 1.10 -14.37 -7.41
C PRO A 239 0.33 -14.19 -8.70
N VAL A 240 -0.94 -14.59 -8.66
CA VAL A 240 -1.86 -14.32 -9.76
C VAL A 240 -3.06 -13.57 -9.19
N LEU A 241 -3.67 -12.75 -10.05
CA LEU A 241 -4.82 -11.95 -9.66
C LEU A 241 -5.99 -12.26 -10.57
N VAL A 242 -7.16 -12.46 -9.96
CA VAL A 242 -8.40 -12.78 -10.69
C VAL A 242 -9.44 -11.70 -10.39
N ASP A 243 -9.83 -10.96 -11.43
CA ASP A 243 -10.82 -9.89 -11.26
C ASP A 243 -12.23 -10.48 -11.36
N LEU A 244 -13.04 -10.33 -10.31
CA LEU A 244 -14.39 -10.88 -10.25
C LEU A 244 -15.47 -9.79 -10.33
N PRO A 245 -15.96 -9.45 -11.53
CA PRO A 245 -17.06 -8.47 -11.62
C PRO A 245 -18.30 -8.96 -10.91
N LYS A 246 -19.03 -8.01 -10.29
CA LYS A 246 -20.09 -8.33 -9.34
C LYS A 246 -21.23 -9.10 -9.99
N ASP A 247 -21.47 -8.92 -11.29
CA ASP A 247 -22.52 -9.67 -11.98
C ASP A 247 -22.06 -11.08 -12.36
N VAL A 248 -20.77 -11.28 -12.59
CA VAL A 248 -20.26 -12.65 -12.76
C VAL A 248 -20.48 -13.48 -11.49
N THR A 249 -20.24 -12.90 -10.32
CA THR A 249 -20.35 -13.68 -9.09
C THR A 249 -21.74 -13.71 -8.51
N ALA A 250 -22.63 -12.82 -8.94
CA ALA A 250 -24.03 -12.96 -8.59
C ALA A 250 -24.83 -13.72 -9.64
N GLY A 251 -24.30 -13.83 -10.86
CA GLY A 251 -25.04 -14.51 -11.90
C GLY A 251 -25.14 -15.99 -11.68
N ILE A 252 -26.16 -16.59 -12.28
CA ILE A 252 -26.39 -18.04 -12.20
C ILE A 252 -25.85 -18.69 -13.47
N LEU A 253 -25.25 -19.87 -13.30
CA LEU A 253 -24.74 -20.62 -14.45
C LEU A 253 -25.84 -21.47 -15.06
N ARG A 254 -25.95 -21.41 -16.39
CA ARG A 254 -27.04 -22.03 -17.14
C ARG A 254 -26.54 -22.87 -18.31
N ARG A 255 -25.25 -23.23 -18.31
CA ARG A 255 -24.65 -24.00 -19.41
C ARG A 255 -23.91 -25.20 -18.81
N ALA A 256 -23.02 -25.77 -19.60
CA ALA A 256 -22.15 -26.86 -19.19
C ALA A 256 -20.72 -26.51 -19.59
N ILE A 257 -19.75 -27.18 -18.95
CA ILE A 257 -18.34 -26.83 -19.11
C ILE A 257 -17.52 -28.06 -19.52
N ALA A 273 3.50 -38.16 -32.38
CA ALA A 273 2.86 -36.87 -32.13
C ALA A 273 3.88 -35.89 -31.53
N ALA A 274 4.98 -36.43 -31.01
CA ALA A 274 6.03 -35.64 -30.38
C ALA A 274 7.21 -36.56 -30.11
N LYS A 275 8.38 -35.96 -29.91
CA LYS A 275 9.59 -36.71 -29.60
C LYS A 275 10.38 -35.96 -28.54
N GLU A 276 10.55 -36.60 -27.38
CA GLU A 276 11.35 -36.05 -26.28
C GLU A 276 12.82 -36.45 -26.47
N LEU A 277 13.44 -35.79 -27.45
CA LEU A 277 14.88 -35.64 -27.44
C LEU A 277 15.31 -34.66 -26.36
N SER A 278 14.39 -33.88 -25.81
CA SER A 278 14.70 -33.03 -24.67
C SER A 278 15.17 -33.88 -23.50
N THR A 279 14.55 -35.05 -23.30
CA THR A 279 15.02 -35.95 -22.25
C THR A 279 16.46 -36.39 -22.50
N GLN A 280 16.79 -36.66 -23.77
CA GLN A 280 18.16 -37.02 -24.10
C GLN A 280 19.13 -35.88 -23.75
N GLN A 281 18.72 -34.65 -23.98
CA GLN A 281 19.62 -33.53 -23.73
C GLN A 281 19.71 -33.20 -22.25
N LEU A 282 18.59 -33.23 -21.53
CA LEU A 282 18.64 -33.04 -20.08
C LEU A 282 19.59 -34.04 -19.47
N ASN A 283 19.48 -35.31 -19.89
CA ASN A 283 20.34 -36.37 -19.35
C ASN A 283 21.79 -36.16 -19.71
N ALA A 284 22.06 -35.76 -20.96
CA ALA A 284 23.41 -35.39 -21.35
C ALA A 284 23.97 -34.29 -20.47
N SER A 285 23.17 -33.26 -20.17
CA SER A 285 23.70 -32.14 -19.40
C SER A 285 23.77 -32.43 -17.91
N ILE A 286 22.95 -33.37 -17.40
CA ILE A 286 23.13 -33.89 -16.05
C ILE A 286 24.44 -34.66 -15.95
N LYS A 287 24.77 -35.46 -16.97
CA LYS A 287 26.02 -36.19 -16.97
C LYS A 287 27.21 -35.23 -17.04
N ARG A 288 27.16 -34.25 -17.94
CA ARG A 288 28.20 -33.23 -18.00
C ARG A 288 28.38 -32.51 -16.65
N ALA A 289 27.27 -32.20 -15.97
CA ALA A 289 27.36 -31.53 -14.68
C ALA A 289 28.06 -32.42 -13.65
N ALA A 290 27.71 -33.71 -13.61
CA ALA A 290 28.40 -34.65 -12.73
C ALA A 290 29.90 -34.69 -13.01
N ASP A 291 30.29 -34.75 -14.30
CA ASP A 291 31.72 -34.71 -14.62
C ASP A 291 32.38 -33.46 -14.06
N LEU A 292 31.68 -32.33 -14.08
CA LEU A 292 32.26 -31.11 -13.52
C LEU A 292 32.43 -31.22 -12.02
N ILE A 293 31.40 -31.73 -11.33
CA ILE A 293 31.47 -31.86 -9.88
C ILE A 293 32.57 -32.84 -9.51
N ASN A 294 32.63 -33.96 -10.21
CA ASN A 294 33.62 -34.99 -9.92
C ASN A 294 35.04 -34.48 -10.09
N MET A 295 35.29 -33.58 -11.04
CA MET A 295 36.65 -33.07 -11.21
C MET A 295 36.95 -31.90 -10.31
N GLY A 296 35.99 -31.45 -9.51
CA GLY A 296 36.17 -30.24 -8.74
C GLY A 296 37.10 -30.47 -7.57
N LYS A 297 38.05 -29.57 -7.39
CA LYS A 297 38.96 -29.62 -6.26
C LYS A 297 38.52 -28.74 -5.10
N LYS A 298 37.75 -27.69 -5.37
CA LYS A 298 37.16 -26.83 -4.34
C LYS A 298 35.69 -26.60 -4.66
N PRO A 299 34.84 -27.62 -4.55
CA PRO A 299 33.41 -27.43 -4.84
C PRO A 299 32.70 -26.63 -3.76
N VAL A 300 31.66 -25.91 -4.15
CA VAL A 300 30.75 -25.22 -3.23
C VAL A 300 29.34 -25.34 -3.76
N ILE A 301 28.41 -25.76 -2.91
CA ILE A 301 26.98 -25.67 -3.22
C ILE A 301 26.45 -24.32 -2.76
N TYR A 302 25.89 -23.57 -3.71
CA TYR A 302 25.21 -22.30 -3.47
C TYR A 302 23.71 -22.58 -3.57
N ALA A 303 23.05 -22.74 -2.43
CA ALA A 303 21.66 -23.18 -2.40
C ALA A 303 20.73 -22.03 -2.07
N GLY A 304 19.64 -21.92 -2.83
CA GLY A 304 18.62 -20.94 -2.55
C GLY A 304 17.21 -21.48 -2.34
N GLN A 305 16.20 -20.62 -2.47
CA GLN A 305 14.85 -21.00 -2.09
C GLN A 305 14.26 -22.08 -2.98
N GLY A 306 14.77 -22.27 -4.19
CA GLY A 306 14.20 -23.30 -5.05
C GLY A 306 14.37 -24.70 -4.51
N VAL A 307 15.36 -24.91 -3.65
CA VAL A 307 15.54 -26.21 -3.01
C VAL A 307 14.43 -26.46 -1.99
N ILE A 308 14.19 -25.50 -1.11
CA ILE A 308 13.05 -25.58 -0.19
C ILE A 308 11.73 -25.66 -0.94
N GLN A 309 11.66 -25.09 -2.15
CA GLN A 309 10.42 -25.15 -2.89
C GLN A 309 10.25 -26.45 -3.67
N SER A 310 11.32 -27.21 -3.88
CA SER A 310 11.25 -28.47 -4.60
C SER A 310 10.96 -29.63 -3.64
N GLU A 311 9.97 -30.45 -3.98
CA GLU A 311 9.65 -31.60 -3.16
C GLU A 311 10.87 -32.49 -3.05
N GLY A 312 11.20 -32.90 -1.82
CA GLY A 312 12.40 -33.68 -1.58
C GLY A 312 13.70 -32.89 -1.73
N GLY A 313 13.63 -31.56 -1.78
CA GLY A 313 14.77 -30.74 -2.10
C GLY A 313 15.87 -30.77 -1.05
N PRO A 314 15.53 -30.45 0.21
CA PRO A 314 16.55 -30.52 1.28
C PRO A 314 17.11 -31.91 1.51
N GLU A 315 16.29 -32.97 1.47
CA GLU A 315 16.81 -34.33 1.61
C GLU A 315 17.88 -34.61 0.56
N LEU A 316 17.58 -34.26 -0.70
CA LEU A 316 18.52 -34.49 -1.78
C LEU A 316 19.76 -33.61 -1.66
N LEU A 317 19.59 -32.35 -1.28
CA LEU A 317 20.75 -31.48 -1.06
C LEU A 317 21.70 -32.06 -0.02
N LYS A 318 21.16 -32.65 1.05
CA LYS A 318 21.98 -33.24 2.09
C LYS A 318 22.67 -34.52 1.61
N GLU A 319 21.96 -35.34 0.82
CA GLU A 319 22.54 -36.54 0.27
C GLU A 319 23.72 -36.23 -0.64
N LEU A 320 23.53 -35.27 -1.55
CA LEU A 320 24.63 -34.83 -2.41
C LEU A 320 25.79 -34.30 -1.58
N ALA A 321 25.50 -33.39 -0.64
CA ALA A 321 26.57 -32.75 0.12
C ALA A 321 27.32 -33.78 0.96
N ASP A 322 26.58 -34.72 1.55
CA ASP A 322 27.21 -35.77 2.35
C ASP A 322 28.06 -36.69 1.48
N LYS A 323 27.48 -37.20 0.39
CA LYS A 323 28.15 -38.21 -0.42
C LYS A 323 29.48 -37.69 -0.95
N ALA A 324 29.49 -36.45 -1.46
CA ALA A 324 30.66 -35.88 -2.10
C ALA A 324 31.44 -34.92 -1.20
N SER A 325 31.02 -34.75 0.06
CA SER A 325 31.69 -33.88 1.02
C SER A 325 31.90 -32.46 0.48
N ILE A 326 30.82 -31.86 0.01
CA ILE A 326 30.84 -30.54 -0.61
C ILE A 326 30.34 -29.51 0.40
N PRO A 327 31.07 -28.44 0.67
CA PRO A 327 30.57 -27.44 1.62
C PRO A 327 29.40 -26.67 1.03
N VAL A 328 28.47 -26.26 1.89
CA VAL A 328 27.18 -25.72 1.48
C VAL A 328 26.99 -24.30 2.01
N THR A 329 26.60 -23.39 1.13
CA THR A 329 26.21 -22.05 1.52
C THR A 329 24.81 -21.78 0.97
N THR A 330 24.01 -21.02 1.72
CA THR A 330 22.65 -20.68 1.27
C THR A 330 22.44 -19.18 1.20
N THR A 331 21.46 -18.77 0.40
CA THR A 331 20.98 -17.39 0.43
C THR A 331 20.12 -17.15 1.67
N LEU A 332 19.69 -15.89 1.82
CA LEU A 332 18.75 -15.53 2.89
C LEU A 332 17.52 -16.44 2.89
N HIS A 333 16.88 -16.60 1.73
CA HIS A 333 15.72 -17.48 1.65
C HIS A 333 16.09 -18.93 1.80
N GLY A 334 17.33 -19.31 1.48
CA GLY A 334 17.72 -20.68 1.62
C GLY A 334 17.99 -21.13 3.03
N LEU A 335 18.11 -20.19 3.98
CA LEU A 335 18.37 -20.56 5.36
C LEU A 335 17.37 -21.62 5.82
N GLY A 336 17.88 -22.79 6.18
CA GLY A 336 17.06 -23.92 6.58
C GLY A 336 17.07 -25.05 5.59
N ALA A 337 17.51 -24.80 4.35
CA ALA A 337 17.64 -25.87 3.37
C ALA A 337 18.74 -26.85 3.77
N PHE A 338 19.74 -26.37 4.51
CA PHE A 338 20.86 -27.15 4.96
C PHE A 338 21.08 -26.91 6.46
N ASP A 339 21.41 -27.97 7.18
CA ASP A 339 21.69 -27.91 8.60
C ASP A 339 22.90 -27.03 8.89
N GLU A 340 22.68 -25.83 9.46
CA GLU A 340 23.82 -24.94 9.75
C GLU A 340 24.71 -25.49 10.87
N LEU A 341 24.28 -26.52 11.58
CA LEU A 341 25.18 -27.20 12.50
C LEU A 341 26.04 -28.28 11.81
N ASP A 342 25.75 -28.65 10.56
CA ASP A 342 26.60 -29.59 9.85
C ASP A 342 27.98 -28.96 9.62
N GLU A 343 29.04 -29.78 9.75
CA GLU A 343 30.39 -29.25 9.65
C GLU A 343 30.68 -28.67 8.28
N LYS A 344 29.95 -29.09 7.25
CA LYS A 344 30.10 -28.56 5.90
C LYS A 344 29.31 -27.27 5.67
N SER A 345 28.55 -26.81 6.66
CA SER A 345 27.72 -25.63 6.48
C SER A 345 28.58 -24.37 6.50
N LEU A 346 28.54 -23.60 5.41
CA LEU A 346 29.22 -22.33 5.31
C LEU A 346 28.35 -21.16 5.74
N HIS A 347 27.08 -21.42 6.06
CA HIS A 347 26.08 -20.43 6.42
C HIS A 347 25.79 -19.56 5.21
N MET A 348 25.32 -18.33 5.46
CA MET A 348 24.79 -17.46 4.41
C MET A 348 25.91 -16.69 3.73
N LEU A 349 25.82 -16.57 2.41
CA LEU A 349 26.75 -15.76 1.63
C LEU A 349 26.13 -14.39 1.32
N GLY A 350 26.95 -13.51 0.77
CA GLY A 350 26.47 -12.27 0.21
C GLY A 350 26.87 -11.03 1.01
N MET A 351 26.13 -9.93 0.75
CA MET A 351 26.53 -8.63 1.26
C MET A 351 26.65 -8.63 2.78
N HIS A 352 25.79 -9.36 3.46
CA HIS A 352 25.94 -9.54 4.91
C HIS A 352 26.15 -11.01 5.26
N GLY A 353 26.71 -11.79 4.32
CA GLY A 353 27.01 -13.17 4.57
C GLY A 353 28.25 -13.37 5.44
N ALA A 354 28.44 -14.61 5.88
CA ALA A 354 29.66 -14.94 6.60
C ALA A 354 30.86 -14.68 5.72
N ALA A 355 31.92 -14.12 6.32
CA ALA A 355 33.16 -13.93 5.56
C ALA A 355 33.63 -15.25 4.93
N TYR A 356 33.47 -16.37 5.65
CA TYR A 356 34.03 -17.63 5.16
C TYR A 356 33.22 -18.20 4.01
N ALA A 357 31.91 -17.98 3.99
CA ALA A 357 31.10 -18.36 2.83
C ALA A 357 31.51 -17.56 1.61
N ASN A 358 31.75 -16.26 1.80
CA ASN A 358 32.14 -15.41 0.69
C ASN A 358 33.49 -15.82 0.13
N MET A 359 34.47 -16.00 1.03
CA MET A 359 35.79 -16.50 0.63
C MET A 359 35.64 -17.75 -0.22
N ALA A 360 34.87 -18.71 0.26
CA ALA A 360 34.76 -19.99 -0.45
C ALA A 360 34.15 -19.81 -1.83
N MET A 361 33.15 -18.96 -1.95
CA MET A 361 32.56 -18.72 -3.27
C MET A 361 33.57 -18.12 -4.24
N GLN A 362 34.43 -17.23 -3.74
CA GLN A 362 35.41 -16.56 -4.58
C GLN A 362 36.59 -17.44 -4.96
N GLN A 363 36.83 -18.52 -4.21
CA GLN A 363 37.92 -19.44 -4.49
C GLN A 363 37.49 -20.81 -5.00
N ALA A 364 36.19 -21.11 -4.96
CA ALA A 364 35.70 -22.37 -5.50
C ALA A 364 36.03 -22.47 -6.98
N ASP A 365 36.22 -23.70 -7.46
CA ASP A 365 36.44 -23.92 -8.88
C ASP A 365 35.22 -24.52 -9.55
N VAL A 366 34.24 -24.96 -8.76
CA VAL A 366 32.97 -25.48 -9.25
C VAL A 366 31.91 -24.97 -8.29
N ILE A 367 31.05 -24.07 -8.78
CA ILE A 367 29.91 -23.57 -8.03
C ILE A 367 28.66 -24.28 -8.54
N ILE A 368 28.03 -25.07 -7.66
CA ILE A 368 26.80 -25.79 -7.94
C ILE A 368 25.64 -24.95 -7.40
N ALA A 369 24.93 -24.25 -8.31
CA ALA A 369 23.87 -23.31 -7.92
C ALA A 369 22.53 -24.02 -8.00
N LEU A 370 21.92 -24.25 -6.84
CA LEU A 370 20.71 -25.04 -6.71
C LEU A 370 19.56 -24.12 -6.32
N GLY A 371 18.66 -23.86 -7.28
CA GLY A 371 17.46 -23.09 -6.95
C GLY A 371 17.76 -21.75 -6.35
N SER A 372 18.74 -21.03 -6.90
CA SER A 372 19.04 -19.66 -6.51
C SER A 372 19.30 -18.87 -7.77
N ARG A 373 19.38 -17.54 -7.65
CA ARG A 373 19.29 -16.71 -8.85
C ARG A 373 20.35 -15.62 -8.96
N PHE A 374 21.42 -15.67 -8.17
CA PHE A 374 22.56 -14.75 -8.34
C PHE A 374 22.13 -13.29 -8.15
N ASP A 375 21.37 -13.06 -7.07
CA ASP A 375 20.90 -11.74 -6.68
C ASP A 375 22.08 -10.80 -6.47
N ASP A 376 21.86 -9.50 -6.71
CA ASP A 376 22.91 -8.53 -6.44
C ASP A 376 23.24 -8.40 -4.97
N ARG A 377 22.33 -8.78 -4.05
CA ARG A 377 22.75 -8.86 -2.65
C ARG A 377 23.64 -10.07 -2.38
N VAL A 378 23.85 -10.93 -3.36
CA VAL A 378 24.64 -12.13 -3.20
C VAL A 378 26.02 -12.01 -3.86
N THR A 379 26.07 -11.39 -5.05
CA THR A 379 27.25 -11.50 -5.90
C THR A 379 28.31 -10.45 -5.62
N GLY A 380 27.96 -9.32 -5.02
CA GLY A 380 28.84 -8.17 -5.08
C GLY A 380 28.96 -7.74 -6.53
N VAL A 381 29.97 -6.89 -6.80
CA VAL A 381 30.29 -6.52 -8.18
C VAL A 381 30.41 -7.81 -9.00
N VAL A 382 29.53 -7.96 -10.00
CA VAL A 382 29.41 -9.23 -10.72
C VAL A 382 30.69 -9.56 -11.49
N SER A 383 31.33 -8.53 -12.05
CA SER A 383 32.53 -8.77 -12.83
C SER A 383 33.65 -9.36 -11.97
N LYS A 384 33.59 -9.15 -10.65
CA LYS A 384 34.59 -9.65 -9.72
C LYS A 384 34.08 -10.83 -8.90
N PHE A 385 33.00 -11.47 -9.37
CA PHE A 385 32.35 -12.55 -8.65
C PHE A 385 32.83 -13.87 -9.21
N ALA A 386 33.17 -14.80 -8.33
CA ALA A 386 33.58 -16.13 -8.72
C ALA A 386 34.80 -16.12 -9.66
N PRO A 387 35.92 -15.46 -9.28
CA PRO A 387 37.08 -15.50 -10.18
C PRO A 387 37.61 -16.90 -10.38
N ALA A 388 37.77 -17.67 -9.30
CA ALA A 388 38.32 -19.01 -9.40
C ALA A 388 37.43 -19.93 -10.24
N ALA A 389 36.13 -19.72 -10.27
CA ALA A 389 35.31 -20.60 -11.08
C ALA A 389 35.28 -20.15 -12.53
N ARG A 390 35.41 -18.85 -12.77
CA ARG A 390 35.50 -18.41 -14.15
C ARG A 390 36.82 -18.83 -14.76
N GLN A 391 37.91 -18.64 -14.00
CA GLN A 391 39.21 -19.15 -14.41
C GLN A 391 39.17 -20.64 -14.70
N ALA A 392 38.51 -21.41 -13.84
CA ALA A 392 38.39 -22.85 -14.07
C ALA A 392 37.57 -23.15 -15.33
N ALA A 393 36.45 -22.44 -15.50
CA ALA A 393 35.60 -22.67 -16.65
C ALA A 393 36.34 -22.41 -17.96
N ALA A 394 37.16 -21.35 -17.99
CA ALA A 394 37.97 -21.06 -19.18
C ALA A 394 38.92 -22.21 -19.51
N GLU A 395 39.74 -22.63 -18.53
CA GLU A 395 40.66 -23.76 -18.69
C GLU A 395 39.96 -25.11 -18.90
N GLY A 396 38.64 -25.18 -18.79
CA GLY A 396 37.92 -26.42 -19.03
C GLY A 396 37.80 -27.34 -17.84
N ARG A 397 38.18 -26.90 -16.64
CA ARG A 397 38.29 -27.78 -15.49
C ARG A 397 37.25 -27.46 -14.41
N GLY A 398 36.16 -26.78 -14.76
CA GLY A 398 35.18 -26.41 -13.76
C GLY A 398 34.21 -25.39 -14.31
N GLY A 399 33.70 -24.54 -13.42
CA GLY A 399 32.72 -23.54 -13.83
C GLY A 399 31.52 -23.39 -12.93
N ILE A 400 30.36 -23.09 -13.53
CA ILE A 400 29.14 -22.77 -12.79
C ILE A 400 28.06 -23.72 -13.28
N ILE A 401 27.59 -24.61 -12.42
CA ILE A 401 26.43 -25.43 -12.72
C ILE A 401 25.20 -24.78 -12.11
N HIS A 402 24.16 -24.57 -12.92
CA HIS A 402 22.96 -23.87 -12.48
C HIS A 402 21.74 -24.77 -12.65
N PHE A 403 21.19 -25.27 -11.53
CA PHE A 403 19.94 -26.03 -11.54
C PHE A 403 18.78 -25.04 -11.36
N GLU A 404 18.00 -24.82 -12.42
CA GLU A 404 17.02 -23.75 -12.45
C GLU A 404 15.75 -24.22 -13.16
N ILE A 405 14.59 -23.81 -12.64
CA ILE A 405 13.33 -24.18 -13.27
C ILE A 405 12.83 -23.12 -14.25
N MET A 406 13.28 -21.87 -14.12
CA MET A 406 12.78 -20.79 -14.97
C MET A 406 13.84 -20.41 -15.99
N PRO A 407 13.64 -20.73 -17.28
CA PRO A 407 14.67 -20.42 -18.29
C PRO A 407 15.08 -18.96 -18.34
N LYS A 408 14.15 -18.03 -18.22
CA LYS A 408 14.51 -16.62 -18.22
C LYS A 408 15.49 -16.26 -17.12
N ASN A 409 15.68 -17.14 -16.13
CA ASN A 409 16.60 -16.85 -15.05
C ASN A 409 17.94 -17.54 -15.21
N ILE A 410 18.12 -18.39 -16.21
CA ILE A 410 19.42 -18.96 -16.53
C ILE A 410 20.19 -17.99 -17.40
N ASN A 411 21.48 -17.80 -17.09
CA ASN A 411 22.32 -16.85 -17.82
C ASN A 411 21.80 -15.42 -17.77
N LYS A 412 20.94 -15.08 -16.80
CA LYS A 412 20.52 -13.68 -16.70
C LYS A 412 21.64 -12.81 -16.12
N VAL A 413 22.45 -13.34 -15.23
CA VAL A 413 23.40 -12.54 -14.47
C VAL A 413 24.80 -13.14 -14.58
N VAL A 414 24.87 -14.46 -14.57
CA VAL A 414 26.12 -15.18 -14.64
C VAL A 414 26.01 -16.22 -15.74
N GLN A 415 27.07 -16.38 -16.52
CA GLN A 415 27.10 -17.44 -17.53
C GLN A 415 27.22 -18.80 -16.84
N ALA A 416 26.27 -19.68 -17.11
CA ALA A 416 26.36 -21.03 -16.59
C ALA A 416 27.22 -21.87 -17.52
N THR A 417 28.26 -22.50 -16.96
CA THR A 417 29.02 -23.50 -17.70
C THR A 417 28.14 -24.67 -18.11
N GLU A 418 27.25 -25.09 -17.23
CA GLU A 418 26.32 -26.18 -17.51
C GLU A 418 25.03 -25.82 -16.82
N ALA A 419 23.98 -25.63 -17.61
CA ALA A 419 22.66 -25.32 -17.11
C ALA A 419 21.83 -26.59 -17.10
N VAL A 420 21.14 -26.84 -16.00
CA VAL A 420 20.23 -27.97 -15.87
C VAL A 420 18.85 -27.37 -15.62
N GLU A 421 18.01 -27.37 -16.66
CA GLU A 421 16.69 -26.77 -16.52
C GLU A 421 15.73 -27.77 -15.89
N GLY A 422 14.75 -27.23 -15.18
CA GLY A 422 13.71 -28.04 -14.58
C GLY A 422 13.79 -28.02 -13.07
N ASP A 423 12.98 -28.89 -12.46
CA ASP A 423 12.88 -28.97 -11.01
C ASP A 423 14.18 -29.47 -10.40
N VAL A 424 14.67 -28.76 -9.40
CA VAL A 424 16.00 -29.06 -8.88
C VAL A 424 16.02 -30.41 -8.17
N GLY A 425 14.92 -30.75 -7.49
CA GLY A 425 14.88 -32.03 -6.78
C GLY A 425 14.85 -33.21 -7.73
N ALA A 426 13.92 -33.19 -8.70
CA ALA A 426 13.87 -34.24 -9.71
C ALA A 426 15.22 -34.41 -10.39
N ASN A 427 15.87 -33.29 -10.75
CA ASN A 427 17.18 -33.36 -11.39
C ASN A 427 18.27 -33.77 -10.42
N MET A 428 18.12 -33.49 -9.12
CA MET A 428 19.14 -33.97 -8.18
C MET A 428 19.04 -35.48 -7.96
N LYS A 429 17.85 -36.06 -8.12
CA LYS A 429 17.74 -37.52 -8.07
C LYS A 429 18.59 -38.17 -9.15
N LEU A 430 18.66 -37.56 -10.34
CA LEU A 430 19.44 -38.08 -11.44
C LEU A 430 20.93 -37.74 -11.34
N LEU A 431 21.28 -36.66 -10.63
CA LEU A 431 22.67 -36.25 -10.51
C LEU A 431 23.43 -37.12 -9.53
N ILE A 432 22.90 -37.28 -8.30
CA ILE A 432 23.68 -37.88 -7.22
C ILE A 432 24.28 -39.23 -7.59
N PRO A 433 23.52 -40.21 -8.16
CA PRO A 433 24.14 -41.49 -8.52
C PRO A 433 25.36 -41.36 -9.42
N GLN A 434 25.48 -40.28 -10.17
CA GLN A 434 26.63 -40.05 -11.04
C GLN A 434 27.78 -39.34 -10.35
N VAL A 435 27.59 -38.88 -9.12
CA VAL A 435 28.65 -38.18 -8.40
C VAL A 435 29.38 -39.17 -7.52
N LYS A 436 30.71 -39.07 -7.50
CA LYS A 436 31.55 -40.05 -6.83
C LYS A 436 31.75 -39.67 -5.36
N ALA A 437 31.54 -40.64 -4.47
CA ALA A 437 31.62 -40.37 -3.05
C ALA A 437 33.05 -39.98 -2.67
N LYS A 438 33.18 -38.98 -1.78
CA LYS A 438 34.45 -38.53 -1.24
C LYS A 438 34.27 -38.14 0.23
N THR A 439 35.22 -38.49 1.08
CA THR A 439 35.12 -38.19 2.50
C THR A 439 35.62 -36.78 2.78
N MET A 440 35.37 -36.33 4.02
CA MET A 440 35.92 -35.06 4.46
C MET A 440 37.43 -35.06 4.33
N GLU A 441 38.06 -36.18 4.69
CA GLU A 441 39.52 -36.28 4.69
C GLU A 441 40.07 -36.20 3.27
N ASP A 442 39.38 -36.83 2.30
CA ASP A 442 39.77 -36.65 0.89
C ASP A 442 39.89 -35.17 0.55
N ARG A 443 39.17 -34.32 1.26
CA ARG A 443 39.18 -32.89 1.00
C ARG A 443 39.79 -32.11 2.15
N LYS A 444 40.85 -32.67 2.76
CA LYS A 444 41.46 -32.01 3.91
C LYS A 444 41.90 -30.59 3.58
N GLU A 445 42.48 -30.37 2.40
CA GLU A 445 43.04 -29.06 2.07
C GLU A 445 41.95 -28.00 1.96
N TRP A 446 40.87 -28.30 1.24
CA TRP A 446 39.77 -27.34 1.06
C TRP A 446 39.13 -27.02 2.40
N PHE A 447 38.76 -28.04 3.17
CA PHE A 447 38.14 -27.78 4.46
C PHE A 447 39.09 -27.15 5.47
N ASP A 448 40.41 -27.31 5.29
CA ASP A 448 41.35 -26.57 6.14
C ASP A 448 41.37 -25.10 5.79
N ALA A 449 41.24 -24.77 4.51
CA ALA A 449 41.13 -23.36 4.16
C ALA A 449 39.86 -22.77 4.75
N ILE A 450 38.74 -23.49 4.65
CA ILE A 450 37.49 -23.03 5.21
C ILE A 450 37.60 -22.88 6.72
N LYS A 451 38.17 -23.88 7.40
CA LYS A 451 38.29 -23.78 8.86
C LYS A 451 39.12 -22.59 9.27
N GLY A 452 40.19 -22.31 8.52
CA GLY A 452 40.99 -21.13 8.80
C GLY A 452 40.23 -19.83 8.61
N TRP A 453 39.35 -19.78 7.60
CA TRP A 453 38.48 -18.62 7.41
C TRP A 453 37.52 -18.47 8.59
N LYS A 454 37.06 -19.60 9.13
CA LYS A 454 36.11 -19.58 10.22
C LYS A 454 36.74 -19.07 11.51
N LYS A 455 37.98 -19.47 11.81
CA LYS A 455 38.67 -18.93 12.97
C LYS A 455 39.00 -17.46 12.77
N LYS A 456 39.38 -17.09 11.54
CA LYS A 456 39.79 -15.71 11.31
C LYS A 456 38.61 -14.76 11.44
N TYR A 457 37.45 -15.15 10.90
CA TYR A 457 36.26 -14.29 10.86
C TYR A 457 35.05 -15.01 11.42
N PRO A 458 35.01 -15.26 12.73
CA PRO A 458 33.81 -15.90 13.31
C PRO A 458 32.65 -14.92 13.43
N LEU A 459 31.44 -15.43 13.18
CA LEU A 459 30.25 -14.58 13.28
C LEU A 459 30.03 -14.07 14.70
N SER A 460 30.59 -14.75 15.71
CA SER A 460 30.43 -14.34 17.10
C SER A 460 31.29 -13.14 17.52
N HIS A 461 32.25 -12.69 16.69
CA HIS A 461 33.10 -11.57 17.10
C HIS A 461 32.40 -10.26 16.79
N TYR A 462 31.63 -9.79 17.75
CA TYR A 462 31.02 -8.47 17.71
C TYR A 462 31.12 -7.86 19.11
N GLN A 463 30.96 -6.53 19.20
CA GLN A 463 31.01 -5.83 20.47
C GLN A 463 29.91 -6.36 21.40
N ARG A 464 30.31 -6.89 22.56
CA ARG A 464 29.33 -7.50 23.48
C ARG A 464 28.88 -6.60 24.64
N ARG A 467 29.84 -2.98 29.74
CA ARG A 467 29.94 -4.39 29.35
C ARG A 467 28.55 -5.02 29.36
N THR A 468 27.88 -4.94 30.50
CA THR A 468 26.47 -5.28 30.60
C THR A 468 25.68 -4.04 30.97
N GLY A 469 25.72 -3.04 30.07
CA GLY A 469 24.88 -1.87 30.15
C GLY A 469 23.64 -2.04 29.30
N LEU A 470 23.76 -1.86 27.98
CA LEU A 470 22.64 -1.98 27.07
C LEU A 470 22.77 -3.23 26.20
N ILE A 471 21.61 -3.77 25.80
CA ILE A 471 21.52 -5.08 25.15
C ILE A 471 22.03 -4.99 23.71
N LYS A 472 22.77 -6.01 23.28
CA LYS A 472 23.26 -5.99 21.90
C LYS A 472 22.38 -6.86 21.01
N PRO A 473 21.94 -6.36 19.85
CA PRO A 473 20.97 -7.11 19.05
C PRO A 473 21.45 -8.47 18.58
N GLN A 474 22.76 -8.67 18.37
CA GLN A 474 23.23 -9.98 17.95
C GLN A 474 23.00 -11.02 19.04
N THR A 475 23.25 -10.65 20.30
CA THR A 475 22.98 -11.57 21.41
C THR A 475 21.52 -11.96 21.49
N VAL A 476 20.59 -11.04 21.16
CA VAL A 476 19.17 -11.41 21.17
C VAL A 476 18.93 -12.55 20.20
N MET A 477 19.50 -12.46 19.00
CA MET A 477 19.33 -13.53 18.02
C MET A 477 20.03 -14.82 18.46
N GLU A 478 21.21 -14.71 19.06
CA GLU A 478 21.92 -15.91 19.53
C GLU A 478 21.12 -16.63 20.60
N GLU A 479 20.48 -15.88 21.50
CA GLU A 479 19.71 -16.52 22.55
C GLU A 479 18.43 -17.17 22.02
N ILE A 480 17.80 -16.58 21.01
CA ILE A 480 16.63 -17.23 20.42
C ILE A 480 17.04 -18.57 19.85
N SER A 481 18.19 -18.61 19.17
CA SER A 481 18.73 -19.86 18.64
C SER A 481 18.97 -20.85 19.76
N ASN A 482 19.62 -20.42 20.86
CA ASN A 482 19.87 -21.31 21.98
C ASN A 482 18.58 -21.82 22.61
N LEU A 483 17.66 -20.90 22.94
CA LEU A 483 16.44 -21.26 23.65
C LEU A 483 15.48 -22.11 22.81
N THR A 484 15.61 -22.15 21.48
CA THR A 484 14.80 -23.06 20.68
C THR A 484 15.60 -24.22 20.10
N ALA A 485 16.82 -24.46 20.59
CA ALA A 485 17.69 -25.52 20.04
C ALA A 485 17.04 -26.91 20.08
N ASP A 486 16.19 -27.18 21.07
CA ASP A 486 15.53 -28.48 21.15
C ASP A 486 14.26 -28.54 20.32
N ARG A 487 13.99 -27.52 19.51
CA ARG A 487 12.76 -27.54 18.74
C ARG A 487 12.88 -26.79 17.42
N LYS A 488 14.11 -26.58 16.90
CA LYS A 488 14.30 -25.90 15.63
C LYS A 488 13.42 -26.46 14.52
N ASP A 489 12.98 -27.73 14.63
CA ASP A 489 12.13 -28.36 13.62
C ASP A 489 10.67 -27.93 13.67
N LYS A 490 10.24 -27.29 14.76
CA LYS A 490 8.89 -26.76 14.93
C LYS A 490 8.98 -25.30 15.30
N THR A 491 9.97 -24.61 14.75
CA THR A 491 10.19 -23.20 15.01
C THR A 491 10.23 -22.46 13.68
N TYR A 492 9.47 -21.39 13.60
CA TYR A 492 9.36 -20.58 12.40
C TYR A 492 9.66 -19.14 12.78
N ILE A 493 10.55 -18.50 12.02
CA ILE A 493 10.98 -17.13 12.27
C ILE A 493 10.54 -16.25 11.10
N ALA A 494 9.67 -15.28 11.37
CA ALA A 494 9.37 -14.23 10.41
C ALA A 494 10.08 -12.96 10.84
N THR A 495 10.43 -12.10 9.87
CA THR A 495 11.22 -10.92 10.19
C THR A 495 10.67 -9.69 9.48
N GLY A 496 11.01 -8.52 10.02
CA GLY A 496 10.91 -7.27 9.29
C GLY A 496 12.04 -7.14 8.29
N VAL A 497 12.41 -5.91 7.96
CA VAL A 497 13.47 -5.64 6.99
C VAL A 497 14.41 -4.64 7.62
N GLY A 498 15.73 -4.89 7.53
CA GLY A 498 16.74 -4.03 8.09
C GLY A 498 17.77 -4.82 8.86
N GLN A 499 18.45 -4.12 9.78
CA GLN A 499 19.56 -4.72 10.51
C GLN A 499 19.16 -5.98 11.27
N HIS A 500 18.02 -5.95 11.97
CA HIS A 500 17.58 -7.11 12.72
C HIS A 500 17.43 -8.34 11.83
N GLN A 501 16.97 -8.14 10.59
CA GLN A 501 16.78 -9.23 9.65
C GLN A 501 18.12 -9.87 9.27
N MET A 502 19.15 -9.05 9.11
CA MET A 502 20.47 -9.59 8.82
C MET A 502 21.06 -10.25 10.06
N TRP A 503 20.86 -9.63 11.23
CA TRP A 503 21.40 -10.18 12.47
C TRP A 503 20.81 -11.55 12.77
N VAL A 504 19.52 -11.74 12.54
CA VAL A 504 18.95 -13.07 12.81
C VAL A 504 19.38 -14.04 11.72
N ALA A 505 19.59 -13.56 10.50
CA ALA A 505 20.14 -14.42 9.46
C ALA A 505 21.52 -14.94 9.87
N GLN A 506 22.36 -14.05 10.42
CA GLN A 506 23.73 -14.39 10.77
C GLN A 506 23.84 -15.20 12.06
N HIS A 507 23.04 -14.89 13.09
CA HIS A 507 23.29 -15.39 14.44
C HIS A 507 22.30 -16.43 14.95
N PHE A 508 21.25 -16.71 14.21
CA PHE A 508 20.40 -17.86 14.47
C PHE A 508 20.91 -19.01 13.62
N ARG A 509 20.91 -20.22 14.18
CA ARG A 509 21.41 -21.37 13.45
C ARG A 509 20.22 -22.07 12.82
N TRP A 510 20.13 -21.95 11.50
CA TRP A 510 18.97 -22.42 10.74
C TRP A 510 19.10 -23.91 10.47
N ARG A 511 18.03 -24.65 10.72
CA ARG A 511 18.07 -26.09 10.54
C ARG A 511 16.81 -26.69 9.92
N HIS A 512 15.71 -25.94 9.84
CA HIS A 512 14.46 -26.50 9.36
C HIS A 512 14.06 -25.86 8.04
N PRO A 513 13.76 -26.63 7.01
CA PRO A 513 13.21 -26.03 5.78
C PRO A 513 11.90 -25.31 6.07
N ARG A 514 11.74 -24.13 5.44
CA ARG A 514 10.63 -23.19 5.58
C ARG A 514 10.63 -22.44 6.90
N SER A 515 11.65 -22.62 7.74
CA SER A 515 11.72 -21.90 9.01
C SER A 515 12.06 -20.42 8.83
N MET A 516 12.64 -20.03 7.69
CA MET A 516 12.97 -18.62 7.44
C MET A 516 11.88 -17.97 6.62
N ILE A 517 11.15 -17.04 7.23
CA ILE A 517 10.00 -16.39 6.60
C ILE A 517 10.29 -14.90 6.54
N THR A 518 10.74 -14.42 5.38
CA THR A 518 11.29 -13.09 5.30
C THR A 518 11.10 -12.54 3.90
N SER A 519 10.96 -11.22 3.81
CA SER A 519 10.89 -10.49 2.55
C SER A 519 12.30 -10.12 2.09
N GLY A 520 12.78 -10.74 1.01
CA GLY A 520 14.14 -10.52 0.53
C GLY A 520 14.24 -9.80 -0.80
N GLY A 521 13.30 -10.08 -1.71
CA GLY A 521 13.34 -9.51 -3.03
C GLY A 521 12.85 -8.08 -3.06
N LEU A 522 11.58 -7.84 -2.71
CA LEU A 522 11.13 -6.46 -2.58
C LEU A 522 11.65 -5.82 -1.30
N GLY A 523 11.72 -6.59 -0.21
CA GLY A 523 12.22 -6.09 1.06
C GLY A 523 11.24 -5.19 1.79
N THR A 524 10.02 -5.68 2.00
CA THR A 524 8.91 -4.87 2.51
C THR A 524 8.96 -4.82 4.03
N MET A 525 9.42 -3.70 4.59
CA MET A 525 9.12 -3.41 5.98
C MET A 525 7.62 -3.57 6.20
N GLY A 526 7.25 -4.08 7.37
CA GLY A 526 5.89 -4.42 7.67
C GLY A 526 5.53 -5.87 7.46
N TYR A 527 6.43 -6.64 6.82
CA TYR A 527 6.14 -8.01 6.42
C TYR A 527 6.00 -8.94 7.62
N GLY A 528 6.80 -8.72 8.65
CA GLY A 528 6.95 -9.66 9.75
C GLY A 528 5.70 -10.11 10.47
N LEU A 529 5.11 -9.23 11.28
CA LEU A 529 3.91 -9.58 12.03
C LEU A 529 2.81 -10.21 11.16
N PRO A 530 2.37 -9.60 10.04
CA PRO A 530 1.38 -10.29 9.18
C PRO A 530 1.85 -11.65 8.69
N ALA A 531 3.10 -11.76 8.23
CA ALA A 531 3.60 -13.05 7.77
C ALA A 531 3.65 -14.06 8.90
N ALA A 532 4.08 -13.62 10.09
CA ALA A 532 4.09 -14.53 11.23
C ALA A 532 2.69 -15.02 11.57
N ILE A 533 1.70 -14.13 11.44
CA ILE A 533 0.31 -14.53 11.72
C ILE A 533 -0.14 -15.59 10.72
N GLY A 534 0.14 -15.40 9.44
CA GLY A 534 -0.24 -16.40 8.45
C GLY A 534 0.52 -17.71 8.61
N ALA A 535 1.81 -17.63 8.97
CA ALA A 535 2.58 -18.86 9.21
C ALA A 535 2.00 -19.65 10.38
N LYS A 536 1.68 -18.95 11.49
CA LYS A 536 1.11 -19.62 12.64
C LYS A 536 -0.30 -20.14 12.35
N VAL A 537 -1.03 -19.49 11.43
CA VAL A 537 -2.27 -20.09 10.97
C VAL A 537 -1.96 -21.37 10.22
N ALA A 538 -0.86 -21.38 9.45
CA ALA A 538 -0.46 -22.58 8.71
C ALA A 538 0.10 -23.66 9.63
N GLN A 539 0.76 -23.26 10.72
CA GLN A 539 1.45 -24.20 11.60
C GLN A 539 0.98 -23.94 13.03
N PRO A 540 -0.30 -24.23 13.33
CA PRO A 540 -0.86 -23.80 14.62
C PRO A 540 -0.11 -24.33 15.82
N ASP A 541 0.47 -25.52 15.72
CA ASP A 541 1.12 -26.23 16.81
C ASP A 541 2.61 -25.93 16.89
N ALA A 542 3.16 -25.17 15.97
CA ALA A 542 4.55 -24.76 15.98
C ALA A 542 4.72 -23.50 16.81
N LEU A 543 5.98 -23.20 17.13
CA LEU A 543 6.34 -21.92 17.73
C LEU A 543 6.71 -20.95 16.63
N VAL A 544 6.00 -19.82 16.53
CA VAL A 544 6.20 -18.85 15.45
C VAL A 544 6.57 -17.50 16.04
N ILE A 545 7.70 -16.95 15.60
CA ILE A 545 8.28 -15.73 16.15
C ILE A 545 8.42 -14.68 15.04
N ASP A 546 7.97 -13.47 15.31
CA ASP A 546 8.22 -12.33 14.45
C ASP A 546 9.37 -11.54 15.09
N VAL A 547 10.56 -11.64 14.51
CA VAL A 547 11.71 -10.83 14.90
C VAL A 547 11.61 -9.53 14.10
N ASP A 548 11.16 -8.46 14.75
CA ASP A 548 10.78 -7.25 14.05
C ASP A 548 11.57 -6.07 14.60
N GLY A 549 12.19 -5.31 13.71
CA GLY A 549 12.66 -3.99 14.07
C GLY A 549 11.50 -3.05 14.31
N ASP A 550 11.78 -1.92 14.96
CA ASP A 550 10.70 -1.05 15.40
C ASP A 550 10.06 -0.30 14.23
N ALA A 551 10.85 0.22 13.30
CA ALA A 551 10.28 0.91 12.15
C ALA A 551 9.46 -0.04 11.28
N SER A 552 10.00 -1.22 11.00
CA SER A 552 9.21 -2.26 10.32
C SER A 552 7.90 -2.53 11.05
N PHE A 553 7.97 -2.72 12.37
CA PHE A 553 6.80 -3.11 13.14
C PHE A 553 5.74 -2.01 13.10
N ASN A 554 6.20 -0.75 13.20
CA ASN A 554 5.33 0.42 13.12
C ASN A 554 4.51 0.43 11.85
N MET A 555 4.99 -0.21 10.78
CA MET A 555 4.28 -0.12 9.51
C MET A 555 2.91 -0.80 9.59
N THR A 556 2.84 -1.98 10.23
CA THR A 556 1.65 -2.82 10.18
C THR A 556 1.20 -3.30 11.55
N LEU A 557 1.62 -2.62 12.63
CA LEU A 557 1.31 -3.07 13.99
C LEU A 557 -0.18 -3.16 14.29
N THR A 558 -1.04 -2.53 13.48
CA THR A 558 -2.46 -2.70 13.70
C THR A 558 -2.87 -4.18 13.59
N GLU A 559 -2.09 -5.01 12.87
CA GLU A 559 -2.48 -6.42 12.81
C GLU A 559 -2.30 -7.16 14.13
N LEU A 560 -1.76 -6.53 15.18
CA LEU A 560 -1.80 -7.15 16.51
C LEU A 560 -3.24 -7.50 16.90
N SER A 561 -4.21 -6.62 16.57
CA SER A 561 -5.62 -6.91 16.84
C SER A 561 -6.05 -8.23 16.21
N THR A 562 -5.55 -8.53 14.99
CA THR A 562 -5.93 -9.78 14.35
C THR A 562 -5.43 -10.99 15.13
N ALA A 563 -4.19 -10.93 15.63
CA ALA A 563 -3.68 -12.01 16.47
C ALA A 563 -4.49 -12.14 17.74
N ALA A 564 -4.86 -11.00 18.33
CA ALA A 564 -5.68 -11.03 19.53
C ALA A 564 -7.07 -11.57 19.22
N GLN A 565 -7.75 -11.01 18.21
CA GLN A 565 -9.14 -11.40 17.96
C GLN A 565 -9.23 -12.89 17.66
N PHE A 566 -8.41 -13.38 16.73
CA PHE A 566 -8.46 -14.78 16.32
C PHE A 566 -7.62 -15.68 17.21
N ASN A 567 -6.95 -15.13 18.23
CA ASN A 567 -6.14 -15.90 19.18
C ASN A 567 -5.06 -16.69 18.45
N ILE A 568 -4.37 -16.03 17.52
CA ILE A 568 -3.28 -16.62 16.77
C ILE A 568 -1.97 -16.37 17.53
N GLY A 569 -1.40 -17.45 18.07
CA GLY A 569 -0.40 -17.36 19.11
C GLY A 569 1.00 -16.99 18.70
N VAL A 570 1.15 -16.06 17.75
CA VAL A 570 2.49 -15.64 17.39
C VAL A 570 3.18 -14.97 18.59
N LYS A 571 4.50 -15.03 18.61
CA LYS A 571 5.33 -14.35 19.61
C LYS A 571 6.10 -13.27 18.88
N VAL A 572 5.98 -12.02 19.34
CA VAL A 572 6.63 -10.89 18.69
C VAL A 572 7.81 -10.42 19.53
N VAL A 573 8.95 -10.26 18.89
CA VAL A 573 10.11 -9.61 19.47
C VAL A 573 10.33 -8.33 18.69
N VAL A 574 10.09 -7.19 19.35
CA VAL A 574 10.31 -5.89 18.75
C VAL A 574 11.65 -5.38 19.26
N LEU A 575 12.60 -5.18 18.35
CA LEU A 575 13.91 -4.62 18.71
C LEU A 575 13.79 -3.10 18.73
N ASN A 576 13.84 -2.52 19.93
CA ASN A 576 13.62 -1.08 20.10
C ASN A 576 14.96 -0.36 20.10
N ASN A 577 15.36 0.18 18.95
CA ASN A 577 16.52 1.06 18.87
C ASN A 577 16.16 2.48 18.46
N GLU A 578 14.88 2.75 18.17
CA GLU A 578 14.41 4.10 17.88
C GLU A 578 15.02 4.67 16.59
N GLU A 579 15.38 3.80 15.66
CA GLU A 579 15.98 4.28 14.43
C GLU A 579 15.65 3.32 13.30
N GLN A 580 15.76 3.83 12.09
CA GLN A 580 15.78 2.97 10.92
C GLN A 580 17.22 2.50 10.81
N GLY A 581 17.52 1.43 11.56
CA GLY A 581 18.90 1.02 11.74
C GLY A 581 19.67 0.84 10.45
N MET A 582 19.12 0.06 9.51
CA MET A 582 19.84 -0.22 8.28
C MET A 582 20.15 1.07 7.50
N VAL A 583 19.25 2.06 7.54
CA VAL A 583 19.51 3.29 6.80
C VAL A 583 20.51 4.19 7.52
N THR A 584 20.54 4.19 8.86
CA THR A 584 21.55 4.99 9.53
C THR A 584 22.94 4.43 9.28
N GLN A 585 23.05 3.10 9.15
CA GLN A 585 24.30 2.49 8.74
C GLN A 585 24.76 3.03 7.39
N TRP A 586 23.85 3.04 6.40
CA TRP A 586 24.18 3.54 5.07
C TRP A 586 24.56 5.02 5.09
N GLN A 587 23.91 5.80 5.95
CA GLN A 587 24.25 7.22 6.01
C GLN A 587 25.55 7.44 6.78
N ASN A 588 25.77 6.66 7.84
CA ASN A 588 27.08 6.62 8.49
C ASN A 588 28.17 6.23 7.49
N LEU A 589 27.93 5.18 6.71
CA LEU A 589 28.97 4.72 5.77
C LEU A 589 29.20 5.71 4.64
N PHE A 590 28.13 6.14 3.97
CA PHE A 590 28.25 6.88 2.72
C PHE A 590 27.98 8.36 2.85
N TYR A 591 27.48 8.85 3.98
CA TYR A 591 26.98 10.21 4.01
C TYR A 591 27.41 10.96 5.28
N GLU A 592 28.58 10.62 5.80
CA GLU A 592 29.25 11.35 6.87
C GLU A 592 28.31 11.60 8.05
N ASP A 593 27.58 10.57 8.44
CA ASP A 593 26.68 10.63 9.59
C ASP A 593 25.61 11.72 9.46
N ARG A 594 25.20 12.05 8.23
CA ARG A 594 24.07 12.94 7.99
C ARG A 594 22.79 12.11 7.99
N TYR A 595 22.11 12.08 9.15
CA TYR A 595 20.99 11.16 9.41
C TYR A 595 19.68 11.81 9.01
N SER A 596 19.42 11.79 7.70
CA SER A 596 18.28 12.49 7.10
C SER A 596 17.03 11.66 7.31
N HIS A 597 16.25 12.03 8.34
CA HIS A 597 14.89 11.50 8.57
C HIS A 597 14.89 9.99 8.78
N THR A 598 15.81 9.49 9.61
CA THR A 598 15.90 8.06 9.87
C THR A 598 15.64 7.74 11.34
N HIS A 599 15.03 8.67 12.07
CA HIS A 599 14.75 8.50 13.48
C HIS A 599 13.28 8.73 13.72
N GLN A 600 12.67 7.86 14.51
CA GLN A 600 11.24 7.95 14.77
C GLN A 600 11.00 7.81 16.27
N ARG A 601 9.92 8.45 16.72
CA ARG A 601 9.48 8.47 18.11
C ARG A 601 9.38 7.08 18.71
N ASN A 602 8.37 6.30 18.29
CA ASN A 602 7.96 4.96 18.74
C ASN A 602 6.85 5.09 19.78
N PRO A 603 5.78 4.34 19.62
CA PRO A 603 4.77 4.27 20.68
C PRO A 603 5.31 3.49 21.87
N ASP A 604 4.62 3.63 23.01
CA ASP A 604 4.88 2.77 24.14
C ASP A 604 4.39 1.36 23.80
N PHE A 605 5.31 0.42 23.61
CA PHE A 605 4.88 -0.89 23.14
C PHE A 605 4.16 -1.67 24.23
N MET A 606 4.44 -1.37 25.50
CA MET A 606 3.76 -2.08 26.57
C MET A 606 2.30 -1.69 26.62
N LYS A 607 2.02 -0.39 26.59
CA LYS A 607 0.66 0.11 26.49
C LYS A 607 0.00 -0.34 25.19
N LEU A 608 0.72 -0.27 24.07
CA LEU A 608 0.16 -0.70 22.78
C LEU A 608 -0.29 -2.15 22.84
N ALA A 609 0.56 -3.04 23.36
CA ALA A 609 0.16 -4.45 23.53
C ALA A 609 -0.97 -4.57 24.53
N ASP A 610 -0.91 -3.79 25.61
CA ASP A 610 -2.04 -3.76 26.54
C ASP A 610 -3.32 -3.33 25.83
N ALA A 611 -3.22 -2.31 24.96
CA ALA A 611 -4.38 -1.84 24.22
C ALA A 611 -4.96 -2.91 23.32
N MET A 612 -4.13 -3.82 22.81
CA MET A 612 -4.59 -4.82 21.86
C MET A 612 -4.97 -6.12 22.52
N GLY A 613 -4.88 -6.19 23.85
CA GLY A 613 -5.26 -7.42 24.53
C GLY A 613 -4.25 -8.55 24.35
N ILE A 614 -2.96 -8.24 24.47
CA ILE A 614 -1.88 -9.16 24.17
C ILE A 614 -0.87 -9.11 25.31
N GLN A 615 -0.55 -10.26 25.89
CA GLN A 615 0.40 -10.30 27.00
C GLN A 615 1.77 -9.78 26.56
N HIS A 616 2.46 -9.10 27.47
CA HIS A 616 3.61 -8.31 27.05
C HIS A 616 4.59 -8.13 28.20
N GLN A 617 5.89 -8.11 27.88
CA GLN A 617 6.96 -7.71 28.79
C GLN A 617 7.96 -6.83 28.03
N ARG A 618 8.76 -6.06 28.78
CA ARG A 618 9.82 -5.24 28.23
C ARG A 618 11.12 -5.52 28.98
N VAL A 619 12.20 -5.79 28.24
CA VAL A 619 13.52 -6.05 28.83
C VAL A 619 14.52 -5.05 28.28
N ALA A 620 15.37 -4.51 29.16
CA ALA A 620 16.42 -3.60 28.78
C ALA A 620 17.78 -3.95 29.37
N GLU A 621 17.86 -4.93 30.25
CA GLU A 621 19.12 -5.27 30.90
C GLU A 621 19.71 -6.55 30.33
N PRO A 622 20.97 -6.53 29.92
CA PRO A 622 21.63 -7.77 29.49
C PRO A 622 21.40 -8.96 30.40
N ASP A 623 21.48 -8.78 31.71
CA ASP A 623 21.28 -9.90 32.63
C ASP A 623 19.89 -10.52 32.50
N LYS A 624 18.86 -9.74 32.13
CA LYS A 624 17.50 -10.26 32.10
C LYS A 624 17.07 -10.81 30.75
N LEU A 625 17.91 -10.70 29.71
CA LEU A 625 17.50 -11.07 28.35
C LEU A 625 17.01 -12.51 28.27
N VAL A 626 17.80 -13.46 28.78
CA VAL A 626 17.45 -14.87 28.62
C VAL A 626 16.08 -15.16 29.26
N ASP A 627 15.84 -14.63 30.46
CA ASP A 627 14.56 -14.89 31.12
C ASP A 627 13.41 -14.27 30.36
N ALA A 628 13.60 -13.07 29.82
CA ALA A 628 12.59 -12.43 29.00
C ALA A 628 12.15 -13.33 27.84
N LEU A 629 13.12 -13.85 27.07
CA LEU A 629 12.78 -14.69 25.91
C LEU A 629 12.21 -16.02 26.33
N LYS A 630 12.68 -16.55 27.48
CA LYS A 630 12.09 -17.79 28.01
C LYS A 630 10.62 -17.58 28.33
N TRP A 631 10.28 -16.45 28.96
CA TRP A 631 8.87 -16.15 29.22
C TRP A 631 8.08 -16.10 27.93
N LEU A 632 8.63 -15.42 26.92
CA LEU A 632 7.90 -15.21 25.67
C LEU A 632 7.62 -16.52 24.95
N ILE A 633 8.64 -17.39 24.82
CA ILE A 633 8.37 -18.59 24.04
C ILE A 633 7.46 -19.53 24.83
N ASN A 634 7.31 -19.35 26.14
CA ASN A 634 6.53 -20.29 26.92
C ASN A 634 5.11 -19.81 27.24
N THR A 635 4.73 -18.62 26.77
CA THR A 635 3.36 -18.16 26.89
C THR A 635 2.42 -19.03 26.05
N ASP A 636 1.11 -18.83 26.28
CA ASP A 636 0.05 -19.37 25.45
C ASP A 636 -0.70 -18.22 24.78
N GLY A 637 -1.01 -18.38 23.51
CA GLY A 637 -1.60 -17.33 22.74
C GLY A 637 -0.61 -16.23 22.40
N PRO A 638 -1.10 -15.16 21.77
CA PRO A 638 -0.19 -14.12 21.29
C PRO A 638 0.50 -13.41 22.43
N ALA A 639 1.75 -13.02 22.19
CA ALA A 639 2.56 -12.36 23.20
C ALA A 639 3.57 -11.46 22.51
N LEU A 640 4.08 -10.47 23.23
CA LEU A 640 4.99 -9.48 22.67
C LEU A 640 6.07 -9.14 23.67
N LEU A 641 7.33 -9.15 23.22
CA LEU A 641 8.46 -8.75 24.04
C LEU A 641 9.18 -7.60 23.36
N GLU A 642 9.39 -6.52 24.11
CA GLU A 642 10.15 -5.38 23.63
C GLU A 642 11.57 -5.50 24.18
N VAL A 643 12.55 -5.53 23.28
CA VAL A 643 13.95 -5.54 23.68
C VAL A 643 14.55 -4.19 23.33
N VAL A 644 14.87 -3.41 24.36
CA VAL A 644 15.57 -2.14 24.19
C VAL A 644 17.02 -2.42 23.90
N THR A 645 17.50 -1.99 22.74
CA THR A 645 18.86 -2.35 22.35
C THR A 645 19.72 -1.12 22.18
N ASP A 646 21.01 -1.40 22.08
CA ASP A 646 22.02 -0.43 21.71
C ASP A 646 21.70 0.20 20.35
N LYS A 647 22.04 1.48 20.23
CA LYS A 647 21.82 2.22 19.00
C LYS A 647 23.10 2.21 18.17
N LYS A 648 22.94 2.52 16.89
CA LYS A 648 24.06 2.70 15.97
C LYS A 648 25.00 1.50 15.97
N VAL A 649 24.44 0.30 15.96
CA VAL A 649 25.23 -0.94 15.90
C VAL A 649 25.31 -1.34 14.44
N PRO A 650 26.51 -1.41 13.85
CA PRO A 650 26.61 -1.79 12.44
C PRO A 650 26.38 -3.28 12.26
N VAL A 651 25.82 -3.66 11.10
CA VAL A 651 25.72 -5.06 10.73
C VAL A 651 27.02 -5.41 10.00
N LEU A 652 27.79 -6.31 10.61
CA LEU A 652 29.04 -6.78 10.02
C LEU A 652 29.02 -8.29 10.06
N PRO A 653 29.70 -8.95 9.11
CA PRO A 653 30.50 -8.37 8.03
C PRO A 653 29.67 -7.69 6.93
N MET A 654 30.30 -6.82 6.15
CA MET A 654 29.60 -6.12 5.07
C MET A 654 30.47 -6.06 3.82
N VAL A 655 29.89 -6.47 2.69
CA VAL A 655 30.44 -6.21 1.36
C VAL A 655 29.75 -4.97 0.80
N PRO A 656 30.32 -3.79 0.95
CA PRO A 656 29.62 -2.56 0.58
C PRO A 656 29.66 -2.34 -0.94
N ALA A 657 28.88 -1.35 -1.38
CA ALA A 657 28.73 -1.08 -2.81
C ALA A 657 30.08 -0.75 -3.43
N GLY A 658 30.39 -1.44 -4.53
CA GLY A 658 31.66 -1.30 -5.23
C GLY A 658 32.68 -2.37 -4.90
N SER A 659 32.37 -3.27 -3.98
CA SER A 659 33.32 -4.25 -3.49
C SER A 659 33.09 -5.63 -4.11
N ALA A 660 34.19 -6.36 -4.32
CA ALA A 660 34.09 -7.76 -4.66
C ALA A 660 33.65 -8.56 -3.43
N LEU A 661 33.10 -9.76 -3.68
CA LEU A 661 32.56 -10.57 -2.59
C LEU A 661 33.58 -10.89 -1.49
N HIS A 662 34.87 -10.86 -1.80
CA HIS A 662 35.91 -11.11 -0.82
C HIS A 662 36.41 -9.82 -0.18
N GLU A 663 36.00 -8.66 -0.69
CA GLU A 663 36.41 -7.36 -0.14
C GLU A 663 35.33 -6.89 0.82
N PHE A 664 35.31 -7.51 2.00
CA PHE A 664 34.32 -7.20 3.02
C PHE A 664 34.94 -6.40 4.15
N LEU A 665 34.08 -5.74 4.90
CA LEU A 665 34.47 -5.14 6.17
C LEU A 665 34.17 -6.12 7.30
N VAL A 666 34.96 -6.03 8.36
CA VAL A 666 34.88 -6.95 9.49
C VAL A 666 34.96 -6.11 10.77
N PHE A 667 34.42 -6.64 11.86
CA PHE A 667 34.34 -5.86 13.10
C PHE A 667 35.73 -5.60 13.66
N ASP A 668 36.02 -4.33 13.92
CA ASP A 668 37.25 -3.91 14.58
C ASP A 668 36.90 -3.12 15.83
N PRO A 669 37.27 -3.61 17.03
CA PRO A 669 36.86 -2.91 18.26
C PRO A 669 37.32 -1.46 18.34
N GLU A 670 38.49 -1.14 17.76
CA GLU A 670 39.04 0.21 17.87
C GLU A 670 38.38 1.16 16.88
N LYS A 671 38.18 0.71 15.64
CA LYS A 671 37.43 1.50 14.68
C LYS A 671 36.03 1.81 15.19
N ASP A 672 35.41 0.87 15.91
CA ASP A 672 34.04 1.05 16.37
C ASP A 672 33.94 2.12 17.44
N LYS A 673 34.91 2.18 18.35
CA LYS A 673 34.85 3.17 19.42
C LYS A 673 35.27 4.56 18.93
N GLN A 674 36.04 4.64 17.85
CA GLN A 674 36.29 5.92 17.19
C GLN A 674 35.31 6.22 16.07
N ARG A 675 34.49 5.25 15.64
CA ARG A 675 33.34 5.57 14.80
C ARG A 675 32.24 6.24 15.61
N ARG A 676 31.97 5.72 16.82
CA ARG A 676 30.99 6.35 17.70
C ARG A 676 31.42 7.77 18.08
N GLU A 677 32.73 8.04 18.06
CA GLU A 677 33.25 9.31 18.56
C GLU A 677 33.20 10.41 17.51
N LEU A 678 33.54 10.09 16.26
CA LEU A 678 33.37 11.05 15.17
C LEU A 678 31.90 11.32 14.90
N MET A 679 31.05 10.31 15.13
CA MET A 679 29.59 10.48 15.00
C MET A 679 29.06 11.45 16.04
N LYS A 680 29.69 11.53 17.20
CA LYS A 680 29.23 12.41 18.28
C LYS A 680 29.62 13.87 18.05
N GLU A 681 30.78 14.14 17.44
CA GLU A 681 31.16 15.52 17.15
C GLU A 681 30.25 16.12 16.09
N ARG A 682 29.95 15.36 15.03
CA ARG A 682 29.10 15.86 13.95
C ARG A 682 27.68 16.11 14.44
N THR A 683 27.02 15.09 15.01
CA THR A 683 25.68 15.13 15.58
C THR A 683 25.63 15.93 16.89
N LYS A 684 26.76 16.54 17.26
CA LYS A 684 26.81 17.52 18.34
C LYS A 684 26.19 16.99 19.62
N GLY A 685 26.57 15.77 19.99
CA GLY A 685 26.14 15.15 21.22
C GLY A 685 24.80 14.45 21.17
N VAL A 686 24.12 14.45 20.04
CA VAL A 686 22.80 13.82 19.93
C VAL A 686 22.91 12.33 19.63
N HIS A 687 23.95 11.91 18.92
CA HIS A 687 24.20 10.50 18.62
C HIS A 687 25.71 10.21 18.80
N ASP B 79 17.58 29.55 -24.57
CA ASP B 79 18.54 29.93 -23.53
C ASP B 79 18.79 28.74 -22.59
N MET B 80 19.90 28.77 -21.86
CA MET B 80 20.39 27.61 -21.13
C MET B 80 20.72 28.00 -19.69
N ASP B 81 20.52 27.05 -18.78
CA ASP B 81 20.79 27.26 -17.36
C ASP B 81 22.10 26.59 -16.99
N GLU B 82 23.01 27.36 -16.39
CA GLU B 82 24.29 26.87 -15.93
C GLU B 82 24.32 26.60 -14.43
N SER B 83 23.31 27.02 -13.68
CA SER B 83 23.41 27.01 -12.23
C SER B 83 23.42 25.60 -11.63
N PHE B 84 23.05 24.59 -12.40
CA PHE B 84 23.05 23.23 -11.89
C PHE B 84 24.37 22.51 -12.10
N ILE B 85 25.30 23.08 -12.86
CA ILE B 85 26.50 22.35 -13.23
C ILE B 85 27.30 22.02 -11.97
N GLY B 86 27.65 20.76 -11.82
CA GLY B 86 28.37 20.31 -10.64
C GLY B 86 27.49 19.96 -9.46
N LYS B 87 26.18 20.08 -9.58
CA LYS B 87 25.28 19.64 -8.54
C LYS B 87 24.84 18.20 -8.82
N SER B 88 24.76 17.40 -7.77
CA SER B 88 24.16 16.07 -7.89
C SER B 88 22.68 16.19 -8.27
N GLY B 89 22.14 15.09 -8.82
CA GLY B 89 20.71 15.06 -9.08
C GLY B 89 19.89 15.32 -7.84
N GLY B 90 20.33 14.76 -6.70
CA GLY B 90 19.67 15.06 -5.44
C GLY B 90 19.67 16.54 -5.12
N GLU B 91 20.80 17.20 -5.35
CA GLU B 91 20.88 18.63 -5.07
C GLU B 91 20.01 19.43 -6.03
N ILE B 92 19.96 19.00 -7.30
CA ILE B 92 19.09 19.68 -8.25
C ILE B 92 17.64 19.53 -7.83
N PHE B 93 17.28 18.34 -7.36
CA PHE B 93 15.93 18.13 -6.87
C PHE B 93 15.61 19.10 -5.75
N HIS B 94 16.52 19.21 -4.77
CA HIS B 94 16.28 20.10 -3.65
C HIS B 94 16.09 21.53 -4.13
N GLU B 95 16.80 21.92 -5.18
CA GLU B 95 16.65 23.25 -5.75
C GLU B 95 15.33 23.40 -6.50
N MET B 96 14.85 22.33 -7.14
CA MET B 96 13.59 22.44 -7.87
C MET B 96 12.39 22.51 -6.93
N MET B 97 12.47 21.88 -5.75
CA MET B 97 11.44 22.06 -4.75
C MET B 97 11.32 23.54 -4.37
N LEU B 98 12.46 24.22 -4.20
CA LEU B 98 12.46 25.67 -4.02
C LEU B 98 11.73 26.36 -5.17
N ARG B 99 12.16 26.13 -6.41
CA ARG B 99 11.56 26.87 -7.51
C ARG B 99 10.09 26.54 -7.70
N GLN B 100 9.60 25.41 -7.18
CA GLN B 100 8.19 25.09 -7.34
C GLN B 100 7.34 25.55 -6.17
N GLY B 101 7.93 26.25 -5.19
CA GLY B 101 7.17 26.76 -4.09
C GLY B 101 6.78 25.72 -3.07
N VAL B 102 7.46 24.57 -3.05
CA VAL B 102 7.08 23.50 -2.14
C VAL B 102 7.53 23.88 -0.73
N LYS B 103 6.63 23.73 0.23
CA LYS B 103 6.95 24.04 1.60
C LYS B 103 6.77 22.84 2.53
N HIS B 104 6.20 21.74 2.06
CA HIS B 104 5.98 20.55 2.86
C HIS B 104 6.11 19.32 1.98
N ILE B 105 6.88 18.34 2.43
CA ILE B 105 7.05 17.09 1.72
C ILE B 105 6.75 15.96 2.69
N PHE B 106 6.07 14.92 2.20
CA PHE B 106 5.76 13.73 2.99
C PHE B 106 6.54 12.56 2.42
N GLY B 107 7.25 11.81 3.27
CA GLY B 107 8.12 10.82 2.67
C GLY B 107 8.82 9.95 3.70
N TYR B 108 9.54 8.96 3.17
CA TYR B 108 10.14 7.91 3.95
C TYR B 108 11.38 7.45 3.18
N PRO B 109 12.54 7.35 3.80
CA PRO B 109 13.78 7.09 3.06
C PRO B 109 14.03 5.60 2.82
N GLY B 110 15.09 5.34 2.06
CA GLY B 110 15.56 4.00 1.78
C GLY B 110 16.75 4.08 0.85
N GLY B 111 17.23 2.91 0.43
CA GLY B 111 18.46 2.83 -0.34
C GLY B 111 18.47 3.64 -1.63
N ALA B 112 17.52 3.36 -2.54
CA ALA B 112 17.59 3.98 -3.86
C ALA B 112 17.38 5.49 -3.81
N ILE B 113 16.64 6.00 -2.81
CA ILE B 113 16.35 7.43 -2.75
C ILE B 113 17.36 8.19 -1.88
N LEU B 114 18.37 7.50 -1.32
CA LEU B 114 19.30 8.17 -0.42
C LEU B 114 19.99 9.41 -1.00
N PRO B 115 20.40 9.45 -2.27
CA PRO B 115 20.98 10.71 -2.76
C PRO B 115 20.08 11.91 -2.58
N VAL B 116 18.75 11.72 -2.63
CA VAL B 116 17.80 12.82 -2.46
C VAL B 116 17.61 13.16 -0.98
N PHE B 117 17.50 12.16 -0.12
CA PHE B 117 17.41 12.44 1.31
C PHE B 117 18.67 13.12 1.82
N ASP B 118 19.84 12.71 1.35
CA ASP B 118 21.05 13.41 1.77
C ASP B 118 20.99 14.89 1.37
N ALA B 119 20.35 15.20 0.24
CA ALA B 119 20.35 16.55 -0.29
C ALA B 119 19.29 17.45 0.36
N ILE B 120 18.19 16.89 0.86
CA ILE B 120 17.21 17.62 1.64
C ILE B 120 17.48 17.50 3.13
N TYR B 121 18.65 16.98 3.48
CA TYR B 121 19.04 16.84 4.87
C TYR B 121 19.10 18.19 5.58
N ASN B 122 18.18 18.40 6.52
CA ASN B 122 18.17 19.60 7.34
C ASN B 122 17.89 20.86 6.53
N SER B 123 17.11 20.75 5.46
CA SER B 123 16.77 21.91 4.66
C SER B 123 15.81 22.83 5.42
N LYS B 124 16.13 24.12 5.46
CA LYS B 124 15.27 25.11 6.08
C LYS B 124 14.19 25.62 5.14
N HIS B 125 14.13 25.10 3.92
CA HIS B 125 13.25 25.61 2.87
C HIS B 125 11.91 24.89 2.81
N PHE B 126 11.74 23.78 3.52
CA PHE B 126 10.45 23.12 3.63
C PHE B 126 10.50 22.17 4.81
N ASP B 127 9.32 21.88 5.36
CA ASP B 127 9.20 20.92 6.45
C ASP B 127 8.94 19.54 5.86
N PHE B 128 9.48 18.53 6.52
CA PHE B 128 9.41 17.15 6.07
C PHE B 128 8.67 16.35 7.13
N ILE B 129 7.58 15.72 6.74
CA ILE B 129 6.83 14.84 7.63
C ILE B 129 7.24 13.40 7.32
N LEU B 130 7.71 12.67 8.33
CA LEU B 130 8.00 11.26 8.26
C LEU B 130 6.81 10.48 8.82
N PRO B 131 6.02 9.80 7.99
CA PRO B 131 4.91 8.99 8.51
C PRO B 131 5.36 7.65 9.05
N ARG B 132 4.41 6.79 9.43
CA ARG B 132 4.75 5.43 9.80
C ARG B 132 4.87 4.52 8.60
N HIS B 133 4.13 4.80 7.53
CA HIS B 133 3.93 3.91 6.40
C HIS B 133 3.82 4.81 5.19
N GLU B 134 4.43 4.42 4.06
CA GLU B 134 4.33 5.46 3.04
C GLU B 134 2.93 5.56 2.42
N GLN B 135 1.99 4.69 2.79
CA GLN B 135 0.58 4.98 2.52
C GLN B 135 0.12 6.18 3.35
N GLY B 136 0.60 6.30 4.59
CA GLY B 136 0.36 7.52 5.34
C GLY B 136 0.83 8.73 4.56
N ALA B 137 2.05 8.67 4.03
CA ALA B 137 2.61 9.81 3.30
C ALA B 137 1.72 10.20 2.14
N GLY B 138 1.17 9.22 1.41
CA GLY B 138 0.36 9.55 0.26
C GLY B 138 -0.95 10.20 0.63
N HIS B 139 -1.64 9.63 1.63
CA HIS B 139 -2.93 10.20 2.04
C HIS B 139 -2.75 11.54 2.74
N MET B 140 -1.64 11.74 3.47
CA MET B 140 -1.31 13.06 4.00
C MET B 140 -1.12 14.07 2.87
N ALA B 141 -0.41 13.66 1.83
CA ALA B 141 -0.28 14.52 0.66
C ALA B 141 -1.63 14.85 0.04
N GLU B 142 -2.61 13.95 0.13
CA GLU B 142 -3.90 14.24 -0.47
C GLU B 142 -4.65 15.27 0.37
N GLY B 143 -4.68 15.09 1.69
CA GLY B 143 -5.35 16.05 2.55
C GLY B 143 -4.71 17.42 2.53
N TYR B 144 -3.37 17.45 2.52
CA TYR B 144 -2.65 18.70 2.26
C TYR B 144 -3.15 19.39 1.00
N ALA B 145 -3.26 18.63 -0.10
CA ALA B 145 -3.74 19.19 -1.35
C ALA B 145 -5.20 19.61 -1.25
N ARG B 146 -6.04 18.76 -0.65
CA ARG B 146 -7.46 19.07 -0.53
C ARG B 146 -7.68 20.35 0.26
N ALA B 147 -6.88 20.58 1.30
CA ALA B 147 -7.05 21.73 2.17
C ALA B 147 -6.41 23.01 1.65
N SER B 148 -5.44 22.92 0.75
CA SER B 148 -4.69 24.10 0.31
C SER B 148 -4.86 24.45 -1.16
N GLY B 149 -5.28 23.50 -1.99
CA GLY B 149 -5.23 23.72 -3.42
C GLY B 149 -3.86 23.56 -4.04
N LYS B 150 -2.79 23.43 -3.25
CA LYS B 150 -1.46 23.17 -3.77
C LYS B 150 -1.24 21.67 -3.94
N PRO B 151 -0.28 21.25 -4.76
CA PRO B 151 -0.01 19.82 -4.92
C PRO B 151 0.72 19.24 -3.72
N GLY B 152 0.23 18.11 -3.21
CA GLY B 152 0.97 17.37 -2.21
C GLY B 152 2.17 16.65 -2.83
N VAL B 153 3.28 16.66 -2.11
CA VAL B 153 4.55 16.12 -2.59
C VAL B 153 4.97 14.96 -1.70
N VAL B 154 5.30 13.83 -2.32
CA VAL B 154 5.70 12.60 -1.64
C VAL B 154 7.07 12.17 -2.13
N VAL B 155 7.92 11.69 -1.22
CA VAL B 155 9.26 11.18 -1.57
C VAL B 155 9.49 9.84 -0.87
N VAL B 156 9.53 8.75 -1.64
CA VAL B 156 9.67 7.42 -1.10
C VAL B 156 10.80 6.68 -1.83
N THR B 157 11.18 5.52 -1.30
CA THR B 157 12.25 4.77 -1.91
C THR B 157 11.69 3.85 -3.00
N SER B 158 12.59 3.09 -3.63
CA SER B 158 12.21 2.19 -4.71
C SER B 158 11.38 1.04 -4.15
N GLY B 159 10.89 0.19 -5.05
CA GLY B 159 10.30 -1.06 -4.65
C GLY B 159 9.09 -0.88 -3.75
N PRO B 160 9.16 -1.40 -2.52
CA PRO B 160 7.97 -1.39 -1.65
C PRO B 160 7.60 -0.01 -1.17
N GLY B 161 8.53 0.94 -1.18
CA GLY B 161 8.18 2.31 -0.84
C GLY B 161 7.32 2.93 -1.92
N ALA B 162 7.59 2.57 -3.18
CA ALA B 162 6.75 3.06 -4.27
C ALA B 162 5.41 2.33 -4.29
N THR B 163 5.43 1.00 -4.13
CA THR B 163 4.17 0.28 -4.28
C THR B 163 3.22 0.62 -3.13
N ASN B 164 3.75 1.01 -1.98
CA ASN B 164 2.92 1.41 -0.85
C ASN B 164 2.14 2.69 -1.09
N VAL B 165 2.49 3.46 -2.13
CA VAL B 165 1.74 4.67 -2.47
C VAL B 165 0.72 4.41 -3.57
N ILE B 166 0.59 3.17 -4.04
CA ILE B 166 -0.29 2.92 -5.18
C ILE B 166 -1.74 3.26 -4.81
N THR B 167 -2.20 2.80 -3.63
CA THR B 167 -3.56 3.15 -3.22
C THR B 167 -3.76 4.66 -3.16
N PRO B 168 -2.96 5.47 -2.43
CA PRO B 168 -3.19 6.92 -2.49
C PRO B 168 -3.14 7.49 -3.90
N MET B 169 -2.37 6.88 -4.80
CA MET B 169 -2.33 7.37 -6.18
C MET B 169 -3.67 7.15 -6.87
N GLN B 170 -4.18 5.92 -6.84
CA GLN B 170 -5.49 5.66 -7.42
C GLN B 170 -6.57 6.53 -6.76
N ASP B 171 -6.53 6.63 -5.44
CA ASP B 171 -7.39 7.55 -4.70
C ASP B 171 -7.32 8.98 -5.27
N ALA B 172 -6.11 9.52 -5.43
CA ALA B 172 -5.98 10.88 -5.95
C ALA B 172 -6.49 11.00 -7.39
N LEU B 173 -6.20 10.00 -8.22
CA LEU B 173 -6.70 10.03 -9.59
C LEU B 173 -8.23 10.02 -9.60
N SER B 174 -8.85 9.15 -8.79
CA SER B 174 -10.30 9.07 -8.75
C SER B 174 -10.95 10.39 -8.28
N ASP B 175 -10.31 11.11 -7.36
CA ASP B 175 -10.88 12.34 -6.80
C ASP B 175 -10.23 13.62 -7.31
N GLY B 176 -9.43 13.55 -8.38
CA GLY B 176 -8.77 14.72 -8.91
C GLY B 176 -7.92 15.48 -7.91
N THR B 177 -7.14 14.77 -7.14
CA THR B 177 -6.30 15.49 -6.20
C THR B 177 -4.88 15.62 -6.73
N PRO B 178 -4.32 16.83 -6.76
CA PRO B 178 -2.97 17.01 -7.33
C PRO B 178 -1.89 16.47 -6.40
N MET B 179 -1.00 15.65 -6.95
CA MET B 179 0.04 15.00 -6.18
C MET B 179 1.23 14.72 -7.10
N VAL B 180 2.44 14.99 -6.62
CA VAL B 180 3.66 14.56 -7.30
C VAL B 180 4.34 13.54 -6.39
N VAL B 181 4.46 12.31 -6.87
CA VAL B 181 5.10 11.23 -6.13
C VAL B 181 6.46 10.98 -6.73
N PHE B 182 7.50 11.21 -5.93
CA PHE B 182 8.88 10.94 -6.32
C PHE B 182 9.32 9.67 -5.62
N CYS B 183 9.86 8.73 -6.38
CA CYS B 183 10.31 7.50 -5.75
C CYS B 183 11.68 7.09 -6.28
N GLY B 184 12.51 6.57 -5.40
CA GLY B 184 13.77 6.02 -5.83
C GLY B 184 13.57 4.86 -6.78
N GLN B 185 14.60 4.60 -7.57
CA GLN B 185 14.60 3.46 -8.47
C GLN B 185 16.03 2.97 -8.56
N VAL B 186 16.19 1.69 -8.90
CA VAL B 186 17.53 1.15 -8.98
C VAL B 186 18.24 1.85 -10.13
N PRO B 187 19.57 1.77 -10.24
CA PRO B 187 20.27 2.44 -11.32
C PRO B 187 19.76 2.01 -12.68
N THR B 188 19.81 2.94 -13.65
CA THR B 188 19.30 2.66 -14.99
C THR B 188 19.92 1.39 -15.57
N ALA B 189 21.23 1.17 -15.32
CA ALA B 189 21.90 -0.04 -15.80
C ALA B 189 21.32 -1.31 -15.21
N ALA B 190 20.73 -1.24 -14.01
CA ALA B 190 20.18 -2.42 -13.35
C ALA B 190 18.74 -2.72 -13.73
N ILE B 191 18.07 -1.81 -14.47
CA ILE B 191 16.65 -1.98 -14.72
C ILE B 191 16.44 -3.20 -15.61
N GLY B 192 15.51 -4.06 -15.23
CA GLY B 192 15.29 -5.32 -15.94
C GLY B 192 16.03 -6.52 -15.37
N SER B 193 16.94 -6.32 -14.43
CA SER B 193 17.76 -7.41 -13.90
C SER B 193 17.15 -8.07 -12.67
N ASP B 194 15.99 -7.61 -12.21
CA ASP B 194 15.41 -8.05 -10.95
C ASP B 194 16.31 -7.66 -9.79
N ALA B 195 16.83 -6.44 -9.85
CA ALA B 195 17.75 -5.97 -8.84
C ALA B 195 17.05 -5.83 -7.50
N PHE B 196 17.86 -5.74 -6.45
CA PHE B 196 17.33 -5.56 -5.11
C PHE B 196 16.39 -4.35 -5.07
N GLN B 197 15.18 -4.56 -4.54
CA GLN B 197 14.12 -3.54 -4.40
C GLN B 197 13.77 -2.89 -5.73
N GLU B 198 13.79 -3.68 -6.81
CA GLU B 198 13.35 -3.22 -8.11
C GLU B 198 11.91 -3.67 -8.33
N ALA B 199 11.12 -2.79 -8.94
CA ALA B 199 9.77 -3.08 -9.37
C ALA B 199 9.52 -2.22 -10.60
N ASP B 200 8.69 -2.72 -11.50
CA ASP B 200 8.34 -1.92 -12.67
C ASP B 200 7.30 -0.88 -12.27
N VAL B 201 7.78 0.12 -11.51
CA VAL B 201 6.90 1.12 -10.92
C VAL B 201 6.24 1.98 -11.99
N VAL B 202 6.91 2.24 -13.11
CA VAL B 202 6.26 2.97 -14.20
C VAL B 202 5.17 2.13 -14.83
N GLY B 203 5.38 0.81 -14.94
CA GLY B 203 4.35 -0.06 -15.47
C GLY B 203 3.18 -0.26 -14.51
N ILE B 204 3.49 -0.45 -13.22
CA ILE B 204 2.42 -0.63 -12.23
C ILE B 204 1.58 0.64 -12.12
N SER B 205 2.22 1.81 -12.07
CA SER B 205 1.53 3.04 -11.73
C SER B 205 0.93 3.77 -12.93
N ARG B 206 1.09 3.23 -14.15
CA ARG B 206 0.53 3.91 -15.32
C ARG B 206 -0.98 4.06 -15.22
N ALA B 207 -1.68 2.98 -14.89
CA ALA B 207 -3.14 3.03 -14.93
C ALA B 207 -3.73 3.83 -13.77
N CYS B 208 -2.93 4.17 -12.76
CA CYS B 208 -3.45 4.86 -11.58
C CYS B 208 -2.77 6.20 -11.37
N THR B 209 -2.17 6.78 -12.41
CA THR B 209 -1.71 8.15 -12.42
C THR B 209 -2.18 8.83 -13.69
N LYS B 210 -2.18 10.16 -13.68
CA LYS B 210 -2.56 10.85 -14.89
C LYS B 210 -1.39 10.98 -15.85
N TRP B 211 -0.17 10.79 -15.35
CA TRP B 211 1.06 10.77 -16.14
C TRP B 211 2.19 10.27 -15.24
N ASN B 212 3.16 9.58 -15.85
CA ASN B 212 4.33 9.17 -15.08
C ASN B 212 5.53 9.08 -16.02
N VAL B 213 6.74 9.05 -15.44
CA VAL B 213 7.95 9.09 -16.25
C VAL B 213 9.11 8.58 -15.40
N MET B 214 10.07 7.92 -16.05
CA MET B 214 11.35 7.60 -15.44
C MET B 214 12.37 8.60 -15.96
N VAL B 215 13.01 9.31 -15.04
CA VAL B 215 14.05 10.26 -15.39
C VAL B 215 15.31 9.48 -15.76
N LYS B 216 15.78 9.65 -16.99
CA LYS B 216 16.83 8.78 -17.48
C LYS B 216 18.21 9.41 -17.46
N SER B 217 18.32 10.68 -17.09
CA SER B 217 19.64 11.29 -16.99
C SER B 217 19.51 12.61 -16.23
N VAL B 218 20.50 12.88 -15.37
CA VAL B 218 20.47 14.05 -14.52
C VAL B 218 20.21 15.33 -15.31
N ALA B 219 20.56 15.33 -16.60
CA ALA B 219 20.34 16.53 -17.40
C ALA B 219 18.85 16.75 -17.72
N GLU B 220 18.03 15.69 -17.75
CA GLU B 220 16.62 15.90 -18.02
C GLU B 220 15.82 16.05 -16.74
N LEU B 221 16.49 16.04 -15.58
CA LEU B 221 15.76 16.05 -14.31
C LEU B 221 14.98 17.33 -14.09
N PRO B 222 15.56 18.54 -14.22
CA PRO B 222 14.75 19.74 -13.95
C PRO B 222 13.56 19.88 -14.89
N ARG B 223 13.70 19.49 -16.16
CA ARG B 223 12.58 19.55 -17.08
C ARG B 223 11.45 18.62 -16.63
N ARG B 224 11.80 17.37 -16.32
CA ARG B 224 10.79 16.38 -15.92
C ARG B 224 10.04 16.82 -14.67
N ILE B 225 10.76 17.38 -13.69
CA ILE B 225 10.10 17.86 -12.48
C ILE B 225 9.08 18.94 -12.81
N ASN B 226 9.44 19.88 -13.68
CA ASN B 226 8.48 20.88 -14.12
C ASN B 226 7.28 20.22 -14.79
N GLU B 227 7.52 19.39 -15.82
CA GLU B 227 6.42 18.71 -16.50
C GLU B 227 5.51 18.05 -15.50
N ALA B 228 6.08 17.41 -14.48
CA ALA B 228 5.26 16.72 -13.49
C ALA B 228 4.38 17.70 -12.71
N PHE B 229 4.96 18.80 -12.19
CA PHE B 229 4.15 19.71 -11.39
C PHE B 229 3.07 20.38 -12.22
N GLU B 230 3.34 20.66 -13.48
CA GLU B 230 2.33 21.28 -14.32
C GLU B 230 1.22 20.28 -14.64
N ILE B 231 1.56 19.04 -14.95
CA ILE B 231 0.52 18.08 -15.31
C ILE B 231 -0.38 17.80 -14.12
N ALA B 232 0.20 17.61 -12.93
CA ALA B 232 -0.63 17.33 -11.76
C ALA B 232 -1.63 18.45 -11.51
N THR B 233 -1.23 19.71 -11.73
CA THR B 233 -2.05 20.84 -11.28
C THR B 233 -2.93 21.45 -12.37
N SER B 234 -2.91 20.95 -13.60
CA SER B 234 -3.72 21.55 -14.65
C SER B 234 -4.81 20.60 -15.12
N GLY B 235 -5.67 21.14 -15.98
CA GLY B 235 -6.90 20.45 -16.33
C GLY B 235 -7.63 20.04 -15.08
N ARG B 236 -8.12 18.82 -15.07
CA ARG B 236 -8.50 18.21 -13.80
C ARG B 236 -7.22 17.77 -13.09
N PRO B 237 -6.94 18.29 -11.90
CA PRO B 237 -5.74 17.86 -11.17
C PRO B 237 -5.71 16.35 -10.95
N GLY B 238 -4.52 15.86 -10.62
CA GLY B 238 -4.29 14.43 -10.51
C GLY B 238 -2.89 14.08 -10.04
N PRO B 239 -2.67 12.80 -9.73
CA PRO B 239 -1.35 12.37 -9.27
C PRO B 239 -0.42 12.04 -10.41
N VAL B 240 0.84 12.36 -10.20
CA VAL B 240 1.91 12.16 -11.17
C VAL B 240 3.04 11.45 -10.46
N LEU B 241 3.64 10.44 -11.11
CA LEU B 241 4.74 9.69 -10.51
C LEU B 241 6.02 9.93 -11.30
N VAL B 242 7.09 10.30 -10.59
CA VAL B 242 8.41 10.52 -11.18
C VAL B 242 9.36 9.49 -10.56
N ASP B 243 9.87 8.56 -11.37
CA ASP B 243 10.82 7.54 -10.93
C ASP B 243 12.24 8.08 -11.04
N LEU B 244 12.99 8.06 -9.93
CA LEU B 244 14.34 8.64 -9.89
C LEU B 244 15.40 7.57 -9.73
N PRO B 245 15.99 7.07 -10.81
CA PRO B 245 17.10 6.11 -10.68
C PRO B 245 18.22 6.66 -9.81
N LYS B 246 18.87 5.75 -9.10
CA LYS B 246 19.91 6.14 -8.16
C LYS B 246 21.13 6.73 -8.86
N ASP B 247 21.43 6.31 -10.09
CA ASP B 247 22.51 6.95 -10.81
C ASP B 247 22.14 8.35 -11.29
N VAL B 248 20.85 8.60 -11.52
CA VAL B 248 20.38 9.93 -11.90
C VAL B 248 20.54 10.91 -10.74
N THR B 249 20.21 10.50 -9.51
CA THR B 249 20.27 11.43 -8.39
C THR B 249 21.63 11.45 -7.69
N ALA B 250 22.35 10.33 -7.69
CA ALA B 250 23.69 10.38 -7.12
C ALA B 250 24.70 10.99 -8.09
N GLY B 251 24.34 11.07 -9.39
CA GLY B 251 25.26 11.58 -10.38
C GLY B 251 25.32 13.08 -10.41
N ILE B 252 26.36 13.59 -11.06
CA ILE B 252 26.68 15.01 -11.09
C ILE B 252 26.40 15.56 -12.48
N LEU B 253 25.56 16.60 -12.57
CA LEU B 253 25.28 17.23 -13.85
C LEU B 253 26.49 18.04 -14.31
N ARG B 254 26.81 17.95 -15.60
CA ARG B 254 28.04 18.53 -16.10
C ARG B 254 27.86 19.34 -17.37
N ARG B 255 26.62 19.54 -17.82
CA ARG B 255 26.35 20.41 -18.95
C ARG B 255 25.19 21.34 -18.62
N ALA B 256 25.13 22.47 -19.32
CA ALA B 256 24.02 23.39 -19.16
C ALA B 256 22.74 22.79 -19.73
N ILE B 257 21.60 23.24 -19.22
CA ILE B 257 20.31 22.69 -19.62
C ILE B 257 19.33 23.83 -19.93
N PRO B 258 18.38 23.64 -20.87
CA PRO B 258 17.37 24.63 -21.28
C PRO B 258 16.54 25.24 -20.14
N PRO B 267 3.41 32.50 -31.99
CA PRO B 267 2.15 32.08 -32.59
C PRO B 267 2.34 31.61 -34.04
N SER B 268 1.29 31.79 -34.86
CA SER B 268 1.23 31.30 -36.24
C SER B 268 -0.17 31.53 -36.80
N ALA B 269 -0.28 31.72 -38.12
CA ALA B 269 -1.58 31.96 -38.73
C ALA B 269 -2.55 30.83 -38.42
N ALA B 270 -2.07 29.58 -38.56
CA ALA B 270 -2.90 28.42 -38.24
C ALA B 270 -3.21 28.32 -36.75
N THR B 271 -2.34 28.88 -35.90
CA THR B 271 -2.61 28.92 -34.46
C THR B 271 -3.71 29.93 -34.13
N ARG B 272 -3.64 31.12 -34.74
CA ARG B 272 -4.67 32.14 -34.57
C ARG B 272 -6.01 31.70 -35.16
N ALA B 273 -5.99 30.92 -36.26
CA ALA B 273 -7.23 30.45 -36.86
C ALA B 273 -7.83 29.30 -36.06
N ALA B 274 -6.98 28.40 -35.55
CA ALA B 274 -7.47 27.35 -34.64
C ALA B 274 -8.08 27.96 -33.37
N LYS B 275 -7.44 28.97 -32.80
CA LYS B 275 -7.93 29.58 -31.56
C LYS B 275 -9.29 30.24 -31.78
N GLU B 276 -9.43 31.03 -32.85
CA GLU B 276 -10.72 31.65 -33.09
C GLU B 276 -11.80 30.59 -33.36
N LEU B 277 -11.44 29.49 -34.03
CA LEU B 277 -12.42 28.43 -34.23
C LEU B 277 -12.85 27.81 -32.90
N SER B 278 -11.89 27.57 -32.00
CA SER B 278 -12.26 27.16 -30.64
C SER B 278 -13.08 28.24 -29.93
N THR B 279 -12.69 29.51 -30.04
CA THR B 279 -13.40 30.57 -29.32
C THR B 279 -14.85 30.68 -29.77
N GLN B 280 -15.10 30.69 -31.08
CA GLN B 280 -16.47 30.70 -31.59
C GLN B 280 -17.26 29.53 -31.05
N GLN B 281 -16.67 28.34 -31.05
CA GLN B 281 -17.38 27.16 -30.56
C GLN B 281 -17.74 27.32 -29.07
N LEU B 282 -16.84 27.90 -28.27
CA LEU B 282 -17.13 28.03 -26.85
C LEU B 282 -18.20 29.07 -26.59
N ASN B 283 -18.11 30.23 -27.26
CA ASN B 283 -19.12 31.28 -27.07
C ASN B 283 -20.49 30.81 -27.51
N ALA B 284 -20.57 30.06 -28.61
CA ALA B 284 -21.87 29.60 -29.04
C ALA B 284 -22.46 28.66 -28.01
N SER B 285 -21.62 27.80 -27.41
CA SER B 285 -22.05 26.88 -26.36
C SER B 285 -22.62 27.64 -25.18
N ILE B 286 -21.93 28.70 -24.75
CA ILE B 286 -22.37 29.45 -23.59
C ILE B 286 -23.65 30.21 -23.89
N LYS B 287 -23.78 30.72 -25.12
CA LYS B 287 -25.00 31.40 -25.51
C LYS B 287 -26.19 30.46 -25.49
N ARG B 288 -26.02 29.23 -25.97
CA ARG B 288 -27.12 28.26 -25.95
C ARG B 288 -27.42 27.81 -24.53
N ALA B 289 -26.37 27.67 -23.70
CA ALA B 289 -26.56 27.37 -22.28
C ALA B 289 -27.40 28.44 -21.60
N ALA B 290 -27.12 29.72 -21.88
CA ALA B 290 -27.91 30.81 -21.31
C ALA B 290 -29.37 30.79 -21.79
N ASP B 291 -29.60 30.61 -23.09
CA ASP B 291 -30.96 30.49 -23.59
C ASP B 291 -31.72 29.38 -22.88
N LEU B 292 -31.10 28.21 -22.75
CA LEU B 292 -31.75 27.11 -22.03
C LEU B 292 -32.09 27.49 -20.60
N ILE B 293 -31.13 28.08 -19.88
CA ILE B 293 -31.36 28.51 -18.50
C ILE B 293 -32.50 29.52 -18.47
N ASN B 294 -32.50 30.46 -19.41
CA ASN B 294 -33.52 31.49 -19.41
C ASN B 294 -34.91 30.91 -19.65
N MET B 295 -35.01 29.84 -20.46
CA MET B 295 -36.31 29.21 -20.65
C MET B 295 -36.81 28.51 -19.39
N GLY B 296 -35.90 28.02 -18.55
CA GLY B 296 -36.28 27.02 -17.57
C GLY B 296 -37.21 27.59 -16.49
N LYS B 297 -38.29 26.85 -16.21
CA LYS B 297 -39.19 27.22 -15.13
C LYS B 297 -38.89 26.50 -13.83
N LYS B 298 -38.13 25.40 -13.86
CA LYS B 298 -37.72 24.69 -12.65
C LYS B 298 -36.23 24.37 -12.78
N PRO B 299 -35.36 25.36 -12.61
CA PRO B 299 -33.92 25.12 -12.75
C PRO B 299 -33.30 24.56 -11.47
N VAL B 300 -32.16 23.91 -11.64
CA VAL B 300 -31.35 23.40 -10.53
C VAL B 300 -29.89 23.48 -10.94
N ILE B 301 -29.04 23.87 -10.00
CA ILE B 301 -27.60 23.80 -10.16
C ILE B 301 -27.12 22.58 -9.41
N TYR B 302 -26.40 21.72 -10.11
CA TYR B 302 -25.79 20.49 -9.61
C TYR B 302 -24.28 20.76 -9.64
N ALA B 303 -23.77 21.29 -8.55
CA ALA B 303 -22.38 21.73 -8.45
C ALA B 303 -21.54 20.63 -7.82
N GLY B 304 -20.29 20.49 -8.30
CA GLY B 304 -19.38 19.52 -7.72
C GLY B 304 -18.00 20.06 -7.38
N GLN B 305 -17.02 19.16 -7.24
CA GLN B 305 -15.68 19.55 -6.81
C GLN B 305 -15.02 20.52 -7.79
N GLY B 306 -15.38 20.45 -9.07
CA GLY B 306 -14.79 21.36 -10.04
C GLY B 306 -15.01 22.82 -9.71
N VAL B 307 -16.15 23.16 -9.11
CA VAL B 307 -16.37 24.55 -8.71
C VAL B 307 -15.35 24.96 -7.66
N ILE B 308 -15.12 24.12 -6.65
CA ILE B 308 -14.12 24.41 -5.62
C ILE B 308 -12.71 24.46 -6.21
N GLN B 309 -12.43 23.67 -7.23
CA GLN B 309 -11.08 23.66 -7.78
C GLN B 309 -10.85 24.77 -8.81
N SER B 310 -11.82 25.65 -9.00
CA SER B 310 -11.76 26.71 -10.01
C SER B 310 -11.56 28.05 -9.33
N GLU B 311 -10.67 28.85 -9.90
CA GLU B 311 -10.41 30.16 -9.32
C GLU B 311 -11.65 31.05 -9.44
N GLY B 312 -12.23 31.42 -8.30
CA GLY B 312 -13.42 32.24 -8.26
C GLY B 312 -14.70 31.46 -8.41
N GLY B 313 -14.63 30.13 -8.35
CA GLY B 313 -15.77 29.27 -8.60
C GLY B 313 -16.93 29.45 -7.64
N PRO B 314 -16.67 29.37 -6.32
CA PRO B 314 -17.78 29.53 -5.37
C PRO B 314 -18.44 30.89 -5.45
N GLU B 315 -17.66 31.94 -5.65
CA GLU B 315 -18.23 33.27 -5.74
C GLU B 315 -19.10 33.37 -6.98
N LEU B 316 -18.59 32.89 -8.11
CA LEU B 316 -19.37 32.95 -9.33
C LEU B 316 -20.66 32.16 -9.19
N LEU B 317 -20.58 30.94 -8.65
CA LEU B 317 -21.76 30.12 -8.39
C LEU B 317 -22.81 30.88 -7.56
N LYS B 318 -22.39 31.49 -6.46
CA LYS B 318 -23.30 32.33 -5.67
C LYS B 318 -23.92 33.44 -6.50
N GLU B 319 -23.09 34.13 -7.30
CA GLU B 319 -23.63 35.18 -8.15
C GLU B 319 -24.69 34.63 -9.10
N LEU B 320 -24.43 33.46 -9.71
CA LEU B 320 -25.38 32.89 -10.66
C LEU B 320 -26.64 32.45 -9.96
N ALA B 321 -26.51 31.71 -8.84
CA ALA B 321 -27.67 31.26 -8.09
C ALA B 321 -28.49 32.45 -7.60
N ASP B 322 -27.83 33.51 -7.14
CA ASP B 322 -28.58 34.68 -6.65
C ASP B 322 -29.28 35.39 -7.79
N LYS B 323 -28.57 35.67 -8.88
CA LYS B 323 -29.14 36.47 -9.95
C LYS B 323 -30.38 35.80 -10.53
N ALA B 324 -30.32 34.51 -10.82
CA ALA B 324 -31.44 33.79 -11.43
C ALA B 324 -32.29 33.03 -10.43
N SER B 325 -32.01 33.15 -9.14
CA SER B 325 -32.76 32.48 -8.08
C SER B 325 -32.93 30.98 -8.37
N ILE B 326 -31.80 30.30 -8.55
CA ILE B 326 -31.76 28.87 -8.85
C ILE B 326 -31.36 28.10 -7.60
N PRO B 327 -32.08 27.05 -7.22
CA PRO B 327 -31.60 26.21 -6.10
C PRO B 327 -30.35 25.41 -6.48
N VAL B 328 -29.53 25.13 -5.47
CA VAL B 328 -28.19 24.58 -5.64
C VAL B 328 -28.04 23.31 -4.80
N THR B 329 -27.75 22.19 -5.45
CA THR B 329 -27.36 20.97 -4.75
C THR B 329 -25.91 20.65 -5.08
N THR B 330 -25.19 20.02 -4.15
CA THR B 330 -23.82 19.60 -4.40
C THR B 330 -23.66 18.10 -4.28
N THR B 331 -22.57 17.59 -4.87
CA THR B 331 -22.05 16.26 -4.60
C THR B 331 -21.37 16.24 -3.23
N LEU B 332 -21.04 15.03 -2.78
CA LEU B 332 -20.23 14.88 -1.56
C LEU B 332 -18.97 15.73 -1.62
N HIS B 333 -18.30 15.78 -2.77
CA HIS B 333 -17.09 16.59 -2.84
C HIS B 333 -17.40 18.06 -3.04
N GLY B 334 -18.55 18.37 -3.64
CA GLY B 334 -18.91 19.78 -3.74
C GLY B 334 -19.38 20.42 -2.43
N LEU B 335 -19.40 19.67 -1.34
CA LEU B 335 -19.89 20.21 -0.09
C LEU B 335 -19.04 21.39 0.37
N GLY B 336 -19.70 22.46 0.78
CA GLY B 336 -19.00 23.68 1.05
C GLY B 336 -18.89 24.62 -0.14
N ALA B 337 -19.15 24.14 -1.37
CA ALA B 337 -19.05 25.04 -2.52
C ALA B 337 -20.14 26.11 -2.47
N PHE B 338 -21.32 25.74 -2.00
CA PHE B 338 -22.43 26.66 -1.75
C PHE B 338 -22.76 26.69 -0.26
N ASP B 339 -23.22 27.85 0.21
CA ASP B 339 -23.52 28.07 1.62
C ASP B 339 -24.80 27.31 1.98
N GLU B 340 -24.70 26.29 2.83
CA GLU B 340 -25.88 25.48 3.11
C GLU B 340 -26.87 26.14 4.06
N LEU B 341 -26.61 27.35 4.55
CA LEU B 341 -27.63 28.12 5.27
C LEU B 341 -28.44 29.02 4.35
N ASP B 342 -28.01 29.22 3.10
CA ASP B 342 -28.77 29.97 2.11
C ASP B 342 -30.07 29.26 1.80
N GLU B 343 -31.16 30.03 1.70
CA GLU B 343 -32.46 29.41 1.47
C GLU B 343 -32.51 28.59 0.20
N LYS B 344 -31.61 28.85 -0.75
CA LYS B 344 -31.62 28.13 -2.02
C LYS B 344 -30.88 26.80 -1.95
N SER B 345 -30.26 26.47 -0.80
CA SER B 345 -29.45 25.25 -0.70
C SER B 345 -30.34 24.01 -0.58
N LEU B 346 -30.18 23.07 -1.50
CA LEU B 346 -30.79 21.75 -1.48
C LEU B 346 -29.91 20.72 -0.77
N HIS B 347 -28.70 21.10 -0.40
CA HIS B 347 -27.74 20.21 0.27
C HIS B 347 -27.33 19.11 -0.71
N MET B 348 -26.94 17.95 -0.22
CA MET B 348 -26.33 16.92 -1.05
C MET B 348 -27.38 16.09 -1.77
N LEU B 349 -27.15 15.83 -3.05
CA LEU B 349 -27.96 14.87 -3.76
C LEU B 349 -27.28 13.49 -3.72
N GLY B 350 -27.96 12.48 -4.26
CA GLY B 350 -27.38 11.19 -4.55
C GLY B 350 -28.08 10.08 -3.81
N MET B 351 -27.46 8.90 -3.85
CA MET B 351 -28.04 7.71 -3.22
C MET B 351 -28.27 7.92 -1.73
N HIS B 352 -27.47 8.77 -1.09
CA HIS B 352 -27.60 9.04 0.34
C HIS B 352 -27.88 10.51 0.60
N GLY B 353 -28.36 11.24 -0.41
CA GLY B 353 -28.58 12.67 -0.30
C GLY B 353 -29.94 13.04 0.26
N ALA B 354 -30.16 14.35 0.35
CA ALA B 354 -31.42 14.87 0.88
C ALA B 354 -32.56 14.49 -0.06
N ALA B 355 -33.66 14.00 0.52
CA ALA B 355 -34.80 13.62 -0.30
C ALA B 355 -35.23 14.76 -1.22
N TYR B 356 -35.12 16.01 -0.74
CA TYR B 356 -35.60 17.17 -1.49
C TYR B 356 -34.66 17.57 -2.61
N ALA B 357 -33.34 17.44 -2.37
CA ALA B 357 -32.36 17.55 -3.45
C ALA B 357 -32.66 16.58 -4.59
N ASN B 358 -32.98 15.33 -4.25
CA ASN B 358 -33.27 14.34 -5.28
C ASN B 358 -34.58 14.63 -5.98
N MET B 359 -35.62 14.98 -5.22
CA MET B 359 -36.89 15.44 -5.80
C MET B 359 -36.64 16.57 -6.80
N ALA B 360 -35.87 17.58 -6.39
CA ALA B 360 -35.57 18.70 -7.27
C ALA B 360 -34.93 18.22 -8.58
N MET B 361 -33.88 17.39 -8.49
CA MET B 361 -33.23 16.91 -9.71
C MET B 361 -34.16 16.06 -10.57
N GLN B 362 -35.08 15.31 -9.97
CA GLN B 362 -35.95 14.48 -10.79
C GLN B 362 -37.02 15.28 -11.49
N GLN B 363 -37.30 16.51 -11.06
CA GLN B 363 -38.34 17.29 -11.70
C GLN B 363 -37.85 18.58 -12.34
N ALA B 364 -36.58 18.93 -12.17
CA ALA B 364 -36.04 20.09 -12.85
C ALA B 364 -36.20 19.94 -14.37
N ASP B 365 -36.43 21.07 -15.05
CA ASP B 365 -36.43 21.06 -16.51
C ASP B 365 -35.11 21.53 -17.08
N VAL B 366 -34.28 22.20 -16.27
CA VAL B 366 -32.92 22.57 -16.65
C VAL B 366 -31.99 22.19 -15.49
N ILE B 367 -31.01 21.34 -15.78
CA ILE B 367 -29.99 20.95 -14.81
C ILE B 367 -28.67 21.55 -15.27
N ILE B 368 -28.06 22.34 -14.40
CA ILE B 368 -26.81 23.03 -14.72
C ILE B 368 -25.74 22.35 -13.90
N ALA B 369 -24.95 21.52 -14.56
CA ALA B 369 -23.97 20.68 -13.88
C ALA B 369 -22.62 21.38 -13.94
N LEU B 370 -22.14 21.82 -12.79
CA LEU B 370 -20.94 22.63 -12.70
C LEU B 370 -19.84 21.85 -11.97
N GLY B 371 -18.80 21.45 -12.72
CA GLY B 371 -17.71 20.70 -12.13
C GLY B 371 -18.08 19.41 -11.42
N SER B 372 -18.95 18.60 -12.02
CA SER B 372 -19.39 17.33 -11.45
C SER B 372 -19.52 16.34 -12.61
N ARG B 373 -19.57 15.06 -12.27
CA ARG B 373 -19.32 14.06 -13.31
C ARG B 373 -20.38 12.99 -13.44
N PHE B 374 -21.54 13.15 -12.84
CA PHE B 374 -22.62 12.19 -13.00
C PHE B 374 -22.16 10.77 -12.63
N ASP B 375 -21.43 10.63 -11.53
CA ASP B 375 -21.06 9.28 -11.13
C ASP B 375 -22.28 8.56 -10.56
N ASP B 376 -22.14 7.26 -10.33
CA ASP B 376 -23.34 6.46 -10.10
C ASP B 376 -23.91 6.62 -8.70
N ARG B 377 -23.12 7.04 -7.71
CA ARG B 377 -23.71 7.36 -6.41
C ARG B 377 -24.66 8.55 -6.48
N VAL B 378 -24.60 9.32 -7.57
CA VAL B 378 -25.38 10.53 -7.72
C VAL B 378 -26.61 10.29 -8.59
N THR B 379 -26.44 9.59 -9.71
CA THR B 379 -27.53 9.41 -10.67
C THR B 379 -28.46 8.28 -10.29
N GLY B 380 -28.04 7.34 -9.49
CA GLY B 380 -28.89 6.18 -9.45
C GLY B 380 -28.85 5.50 -10.81
N VAL B 381 -29.83 4.64 -11.06
CA VAL B 381 -30.00 4.05 -12.38
C VAL B 381 -30.03 5.17 -13.41
N VAL B 382 -29.12 5.14 -14.36
CA VAL B 382 -28.97 6.27 -15.26
C VAL B 382 -30.21 6.46 -16.14
N SER B 383 -30.82 5.36 -16.58
CA SER B 383 -31.97 5.50 -17.47
C SER B 383 -33.15 6.19 -16.78
N LYS B 384 -33.17 6.21 -15.45
CA LYS B 384 -34.23 6.86 -14.67
C LYS B 384 -33.81 8.23 -14.16
N PHE B 385 -32.58 8.64 -14.44
CA PHE B 385 -32.05 9.89 -13.92
C PHE B 385 -32.65 11.08 -14.67
N ALA B 386 -33.05 12.10 -13.91
CA ALA B 386 -33.51 13.37 -14.44
C ALA B 386 -34.59 13.22 -15.51
N PRO B 387 -35.73 12.60 -15.18
CA PRO B 387 -36.77 12.41 -16.20
C PRO B 387 -37.30 13.72 -16.78
N ALA B 388 -37.49 14.75 -15.95
CA ALA B 388 -38.09 15.99 -16.46
C ALA B 388 -37.10 16.78 -17.30
N ALA B 389 -35.82 16.73 -16.95
CA ALA B 389 -34.80 17.34 -17.79
C ALA B 389 -34.76 16.70 -19.16
N ARG B 390 -34.90 15.37 -19.22
CA ARG B 390 -34.90 14.69 -20.50
C ARG B 390 -36.15 15.00 -21.29
N GLN B 391 -37.32 15.05 -20.63
CA GLN B 391 -38.55 15.40 -21.32
C GLN B 391 -38.45 16.82 -21.88
N ALA B 392 -37.84 17.73 -21.12
CA ALA B 392 -37.66 19.10 -21.58
C ALA B 392 -36.77 19.16 -22.82
N ALA B 393 -35.57 18.58 -22.74
CA ALA B 393 -34.72 18.50 -23.91
C ALA B 393 -35.50 17.95 -25.10
N ALA B 394 -36.23 16.85 -24.88
CA ALA B 394 -37.04 16.26 -25.93
C ALA B 394 -37.96 17.28 -26.58
N GLU B 395 -38.55 18.16 -25.77
CA GLU B 395 -39.50 19.16 -26.24
C GLU B 395 -38.85 20.51 -26.53
N GLY B 396 -37.52 20.58 -26.62
CA GLY B 396 -36.87 21.82 -26.98
C GLY B 396 -36.86 22.91 -25.92
N ARG B 397 -37.33 22.62 -24.69
CA ARG B 397 -37.52 23.66 -23.67
C ARG B 397 -36.68 23.42 -22.42
N GLY B 398 -35.49 22.84 -22.58
CA GLY B 398 -34.60 22.66 -21.44
C GLY B 398 -33.60 21.53 -21.69
N GLY B 399 -33.29 20.81 -20.61
CA GLY B 399 -32.34 19.72 -20.68
C GLY B 399 -31.22 19.82 -19.66
N ILE B 400 -30.03 19.39 -20.06
CA ILE B 400 -28.89 19.23 -19.16
C ILE B 400 -27.71 20.00 -19.73
N ILE B 401 -27.20 20.96 -18.95
CA ILE B 401 -26.04 21.77 -19.30
C ILE B 401 -24.87 21.27 -18.46
N HIS B 402 -23.70 21.12 -19.08
CA HIS B 402 -22.58 20.48 -18.40
C HIS B 402 -21.33 21.30 -18.61
N PHE B 403 -20.80 21.91 -17.53
CA PHE B 403 -19.60 22.73 -17.54
C PHE B 403 -18.42 21.88 -17.06
N GLU B 404 -17.56 21.46 -17.99
CA GLU B 404 -16.58 20.43 -17.70
C GLU B 404 -15.25 20.78 -18.35
N ILE B 405 -14.16 20.62 -17.61
CA ILE B 405 -12.83 20.93 -18.10
C ILE B 405 -12.18 19.76 -18.83
N MET B 406 -12.61 18.53 -18.55
CA MET B 406 -11.93 17.36 -19.07
C MET B 406 -12.81 16.71 -20.12
N PRO B 407 -12.43 16.78 -21.40
CA PRO B 407 -13.31 16.28 -22.48
C PRO B 407 -13.77 14.84 -22.32
N LYS B 408 -12.90 13.94 -21.85
CA LYS B 408 -13.26 12.53 -21.62
C LYS B 408 -14.49 12.38 -20.73
N ASN B 409 -14.77 13.38 -19.88
CA ASN B 409 -15.89 13.32 -18.97
C ASN B 409 -17.15 13.94 -19.55
N ILE B 410 -17.10 14.50 -20.74
CA ILE B 410 -18.29 15.02 -21.41
C ILE B 410 -18.96 13.87 -22.18
N ASN B 411 -20.24 13.63 -21.89
CA ASN B 411 -21.06 12.60 -22.52
C ASN B 411 -20.57 11.19 -22.21
N LYS B 412 -19.92 11.02 -21.06
CA LYS B 412 -19.46 9.71 -20.63
C LYS B 412 -20.61 8.85 -20.11
N VAL B 413 -21.51 9.46 -19.34
CA VAL B 413 -22.57 8.76 -18.63
C VAL B 413 -23.94 9.33 -18.99
N VAL B 414 -24.03 10.64 -19.09
CA VAL B 414 -25.28 11.33 -19.37
C VAL B 414 -25.05 12.25 -20.55
N GLN B 415 -25.96 12.22 -21.51
CA GLN B 415 -25.85 13.05 -22.70
C GLN B 415 -26.26 14.47 -22.34
N ALA B 416 -25.29 15.40 -22.38
CA ALA B 416 -25.55 16.81 -22.17
C ALA B 416 -26.30 17.39 -23.35
N THR B 417 -27.33 18.21 -23.06
CA THR B 417 -27.97 19.00 -24.10
C THR B 417 -27.02 20.08 -24.61
N GLU B 418 -26.22 20.64 -23.71
CA GLU B 418 -25.21 21.64 -24.07
C GLU B 418 -24.00 21.43 -23.20
N ALA B 419 -22.84 21.22 -23.84
CA ALA B 419 -21.58 20.98 -23.16
C ALA B 419 -20.68 22.21 -23.32
N VAL B 420 -20.34 22.82 -22.20
CA VAL B 420 -19.52 24.01 -22.16
C VAL B 420 -18.16 23.57 -21.63
N GLU B 421 -17.19 23.47 -22.54
CA GLU B 421 -15.88 22.89 -22.21
C GLU B 421 -14.96 23.91 -21.59
N GLY B 422 -14.25 23.48 -20.56
CA GLY B 422 -13.19 24.27 -19.98
C GLY B 422 -13.47 24.66 -18.55
N ASP B 423 -12.63 25.55 -18.04
CA ASP B 423 -12.67 25.93 -16.64
C ASP B 423 -14.01 26.52 -16.27
N VAL B 424 -14.63 25.99 -15.22
CA VAL B 424 -16.00 26.39 -14.91
C VAL B 424 -16.03 27.82 -14.40
N GLY B 425 -15.00 28.26 -13.68
CA GLY B 425 -14.92 29.66 -13.29
C GLY B 425 -14.90 30.61 -14.47
N ALA B 426 -13.99 30.39 -15.41
CA ALA B 426 -13.84 31.29 -16.55
C ALA B 426 -15.12 31.35 -17.38
N ASN B 427 -15.81 30.22 -17.51
CA ASN B 427 -16.96 30.14 -18.38
C ASN B 427 -18.24 30.61 -17.67
N MET B 428 -18.29 30.51 -16.34
CA MET B 428 -19.39 31.14 -15.64
C MET B 428 -19.30 32.66 -15.74
N LYS B 429 -18.08 33.19 -15.79
CA LYS B 429 -17.90 34.62 -15.98
C LYS B 429 -18.52 35.08 -17.28
N LEU B 430 -18.44 34.24 -18.32
CA LEU B 430 -19.05 34.58 -19.60
C LEU B 430 -20.54 34.25 -19.63
N LEU B 431 -20.97 33.27 -18.84
CA LEU B 431 -22.37 32.86 -18.81
C LEU B 431 -23.25 33.89 -18.10
N ILE B 432 -22.83 34.33 -16.92
CA ILE B 432 -23.75 35.05 -16.02
C ILE B 432 -24.33 36.30 -16.66
N PRO B 433 -23.56 37.16 -17.33
CA PRO B 433 -24.17 38.35 -17.95
C PRO B 433 -25.20 38.08 -19.03
N GLN B 434 -25.35 36.83 -19.52
CA GLN B 434 -26.40 36.47 -20.45
C GLN B 434 -27.58 35.74 -19.80
N VAL B 435 -27.43 35.28 -18.55
CA VAL B 435 -28.56 34.75 -17.81
C VAL B 435 -29.40 35.92 -17.29
N LYS B 436 -30.69 35.90 -17.61
CA LYS B 436 -31.60 36.95 -17.13
C LYS B 436 -31.87 36.80 -15.64
N ALA B 437 -31.97 37.93 -14.93
CA ALA B 437 -32.29 37.89 -13.51
C ALA B 437 -33.70 37.33 -13.27
N LYS B 438 -33.88 36.65 -12.15
CA LYS B 438 -35.20 36.17 -11.73
C LYS B 438 -35.27 36.30 -10.22
N THR B 439 -36.44 36.66 -9.72
CA THR B 439 -36.61 36.84 -8.30
C THR B 439 -37.07 35.52 -7.67
N MET B 440 -37.00 35.44 -6.34
CA MET B 440 -37.62 34.31 -5.67
C MET B 440 -39.10 34.28 -5.99
N GLU B 441 -39.73 35.46 -6.01
CA GLU B 441 -41.16 35.51 -6.30
C GLU B 441 -41.48 34.96 -7.69
N ASP B 442 -40.60 35.23 -8.68
CA ASP B 442 -40.77 34.63 -10.01
C ASP B 442 -40.79 33.10 -9.95
N ARG B 443 -40.04 32.51 -9.02
CA ARG B 443 -39.94 31.06 -8.92
C ARG B 443 -40.77 30.52 -7.76
N LYS B 444 -41.86 31.23 -7.44
CA LYS B 444 -42.64 30.89 -6.26
C LYS B 444 -43.11 29.44 -6.29
N GLU B 445 -43.63 28.99 -7.45
CA GLU B 445 -44.15 27.63 -7.53
C GLU B 445 -43.04 26.61 -7.33
N TRP B 446 -41.87 26.85 -7.92
CA TRP B 446 -40.73 25.93 -7.79
C TRP B 446 -40.26 25.84 -6.33
N PHE B 447 -39.96 27.01 -5.74
CA PHE B 447 -39.50 27.03 -4.35
C PHE B 447 -40.60 26.61 -3.37
N ASP B 448 -41.88 26.70 -3.76
CA ASP B 448 -42.92 26.18 -2.89
C ASP B 448 -42.88 24.66 -2.86
N ALA B 449 -42.73 24.04 -4.03
CA ALA B 449 -42.52 22.60 -4.07
C ALA B 449 -41.27 22.22 -3.28
N ILE B 450 -40.18 22.99 -3.42
CA ILE B 450 -38.98 22.60 -2.70
C ILE B 450 -39.19 22.72 -1.21
N LYS B 451 -39.81 23.82 -0.75
CA LYS B 451 -40.01 23.98 0.68
C LYS B 451 -40.97 22.92 1.21
N GLY B 452 -41.91 22.49 0.36
CA GLY B 452 -42.76 21.37 0.73
C GLY B 452 -41.97 20.11 1.03
N TRP B 453 -41.06 19.75 0.11
CA TRP B 453 -40.21 18.58 0.30
C TRP B 453 -39.33 18.71 1.54
N LYS B 454 -38.85 19.91 1.83
CA LYS B 454 -38.01 20.11 3.01
C LYS B 454 -38.82 19.91 4.29
N LYS B 455 -40.07 20.38 4.30
CA LYS B 455 -40.93 20.16 5.47
C LYS B 455 -41.21 18.68 5.67
N LYS B 456 -41.41 17.94 4.57
CA LYS B 456 -41.77 16.54 4.64
C LYS B 456 -40.56 15.65 4.96
N TYR B 457 -39.39 15.98 4.43
CA TYR B 457 -38.20 15.15 4.58
C TYR B 457 -37.02 15.94 5.14
N PRO B 458 -37.16 16.53 6.33
CA PRO B 458 -36.02 17.24 6.91
C PRO B 458 -34.92 16.27 7.28
N LEU B 459 -33.68 16.65 6.98
CA LEU B 459 -32.54 15.83 7.44
C LEU B 459 -32.57 15.63 8.94
N SER B 460 -32.92 16.67 9.71
CA SER B 460 -32.83 16.65 11.16
C SER B 460 -33.78 15.66 11.84
N HIS B 461 -34.68 15.00 11.08
CA HIS B 461 -35.60 14.03 11.67
C HIS B 461 -35.02 12.62 11.54
N TYR B 462 -34.52 12.09 12.64
CA TYR B 462 -34.05 10.72 12.73
C TYR B 462 -34.30 10.26 14.17
N GLN B 463 -34.10 8.97 14.42
CA GLN B 463 -34.36 8.44 15.76
C GLN B 463 -33.24 8.86 16.71
N ARG B 464 -33.58 9.64 17.72
CA ARG B 464 -32.59 10.11 18.69
C ARG B 464 -32.48 9.13 19.86
N ALA B 465 -31.36 9.24 20.59
CA ALA B 465 -31.08 8.31 21.67
C ALA B 465 -32.02 8.51 22.85
N GLU B 466 -32.40 7.39 23.49
CA GLU B 466 -32.92 7.45 24.84
C GLU B 466 -31.76 7.70 25.80
N ARG B 467 -32.04 8.39 26.91
CA ARG B 467 -30.96 8.84 27.77
C ARG B 467 -30.14 7.69 28.34
N THR B 468 -30.69 6.48 28.32
CA THR B 468 -30.00 5.30 28.82
C THR B 468 -29.39 4.45 27.70
N GLY B 469 -29.46 4.89 26.45
CA GLY B 469 -28.82 4.19 25.35
C GLY B 469 -27.44 4.72 25.05
N LEU B 470 -26.96 4.39 23.86
CA LEU B 470 -25.68 4.88 23.38
C LEU B 470 -25.90 6.09 22.49
N ILE B 471 -24.82 6.82 22.26
CA ILE B 471 -24.88 8.01 21.43
C ILE B 471 -25.33 7.65 20.01
N LYS B 472 -26.25 8.48 19.46
CA LYS B 472 -26.59 8.32 18.05
C LYS B 472 -25.53 9.00 17.18
N PRO B 473 -25.10 8.35 16.09
CA PRO B 473 -24.02 8.95 15.28
C PRO B 473 -24.43 10.23 14.59
N GLN B 474 -25.66 10.32 14.09
CA GLN B 474 -26.14 11.57 13.48
C GLN B 474 -26.00 12.73 14.46
N THR B 475 -26.25 12.48 15.73
CA THR B 475 -26.16 13.57 16.71
C THR B 475 -24.71 14.01 16.91
N VAL B 476 -23.74 13.10 16.75
CA VAL B 476 -22.33 13.49 16.83
C VAL B 476 -22.03 14.54 15.77
N MET B 477 -22.54 14.33 14.55
CA MET B 477 -22.27 15.27 13.47
C MET B 477 -23.01 16.58 13.71
N GLU B 478 -24.27 16.51 14.14
CA GLU B 478 -25.01 17.73 14.44
C GLU B 478 -24.30 18.56 15.49
N GLU B 479 -23.85 17.93 16.58
CA GLU B 479 -23.22 18.72 17.62
C GLU B 479 -21.84 19.23 17.21
N ILE B 480 -21.13 18.53 16.31
CA ILE B 480 -19.88 19.10 15.80
C ILE B 480 -20.19 20.33 14.96
N SER B 481 -21.26 20.27 14.16
CA SER B 481 -21.62 21.45 13.37
C SER B 481 -22.04 22.61 14.27
N ASN B 482 -22.92 22.36 15.23
CA ASN B 482 -23.29 23.45 16.14
C ASN B 482 -22.05 23.99 16.84
N LEU B 483 -21.15 23.12 17.28
CA LEU B 483 -20.05 23.66 18.06
C LEU B 483 -19.06 24.44 17.22
N THR B 484 -19.10 24.31 15.89
CA THR B 484 -18.16 25.00 15.02
C THR B 484 -18.83 26.07 14.17
N ALA B 485 -20.13 26.33 14.40
CA ALA B 485 -20.91 27.26 13.57
C ALA B 485 -20.29 28.64 13.47
N ASP B 486 -19.56 29.08 14.49
CA ASP B 486 -18.98 30.42 14.48
C ASP B 486 -17.60 30.46 13.86
N ARG B 487 -17.07 29.33 13.39
CA ARG B 487 -15.73 29.29 12.81
C ARG B 487 -15.68 28.31 11.63
N LYS B 488 -16.78 28.20 10.87
CA LYS B 488 -16.80 27.30 9.71
C LYS B 488 -15.76 27.69 8.68
N ASP B 489 -15.35 28.96 8.64
CA ASP B 489 -14.33 29.38 7.70
C ASP B 489 -12.94 28.82 8.01
N LYS B 490 -12.74 28.23 9.20
CA LYS B 490 -11.47 27.63 9.61
C LYS B 490 -11.68 26.22 10.16
N THR B 491 -12.68 25.50 9.68
CA THR B 491 -12.93 24.15 10.14
C THR B 491 -12.87 23.18 8.97
N TYR B 492 -12.06 22.15 9.14
CA TYR B 492 -11.85 21.15 8.11
C TYR B 492 -12.26 19.80 8.66
N ILE B 493 -13.15 19.14 7.93
CA ILE B 493 -13.61 17.80 8.28
C ILE B 493 -12.97 16.84 7.27
N ALA B 494 -12.25 15.85 7.80
CA ALA B 494 -11.79 14.70 7.03
C ALA B 494 -12.55 13.48 7.53
N THR B 495 -12.75 12.49 6.66
CA THR B 495 -13.51 11.32 7.09
C THR B 495 -12.89 9.99 6.64
N GLY B 496 -13.38 8.91 7.27
CA GLY B 496 -13.23 7.58 6.75
C GLY B 496 -14.21 7.31 5.63
N VAL B 497 -14.45 6.04 5.39
CA VAL B 497 -15.45 5.58 4.42
C VAL B 497 -16.44 4.71 5.18
N GLY B 498 -17.73 4.97 4.97
CA GLY B 498 -18.79 4.17 5.49
C GLY B 498 -19.97 5.01 5.92
N GLN B 499 -20.75 4.47 6.86
CA GLN B 499 -21.97 5.13 7.31
C GLN B 499 -21.68 6.49 7.90
N HIS B 500 -20.60 6.60 8.68
CA HIS B 500 -20.24 7.88 9.29
C HIS B 500 -19.90 8.93 8.23
N GLN B 501 -19.33 8.51 7.10
CA GLN B 501 -19.02 9.47 6.06
C GLN B 501 -20.30 10.08 5.50
N MET B 502 -21.36 9.27 5.36
CA MET B 502 -22.63 9.80 4.89
C MET B 502 -23.32 10.64 5.98
N TRP B 503 -23.23 10.23 7.24
CA TRP B 503 -23.88 10.97 8.30
C TRP B 503 -23.29 12.36 8.46
N VAL B 504 -21.96 12.50 8.34
CA VAL B 504 -21.42 13.85 8.47
C VAL B 504 -21.80 14.68 7.26
N ALA B 505 -21.88 14.05 6.09
CA ALA B 505 -22.29 14.78 4.90
C ALA B 505 -23.69 15.34 5.07
N GLN B 506 -24.58 14.54 5.68
CA GLN B 506 -25.98 14.90 5.85
C GLN B 506 -26.20 15.91 6.95
N HIS B 507 -25.50 15.76 8.09
CA HIS B 507 -25.90 16.45 9.31
C HIS B 507 -24.99 17.60 9.74
N PHE B 508 -23.78 17.69 9.20
CA PHE B 508 -22.97 18.88 9.33
C PHE B 508 -23.42 19.87 8.27
N ARG B 509 -23.50 21.16 8.62
CA ARG B 509 -23.93 22.20 7.67
C ARG B 509 -22.70 22.83 7.01
N TRP B 510 -22.58 22.61 5.70
CA TRP B 510 -21.36 22.94 4.96
C TRP B 510 -21.43 24.36 4.41
N ARG B 511 -20.43 25.18 4.76
CA ARG B 511 -20.38 26.58 4.33
C ARG B 511 -19.04 27.03 3.79
N HIS B 512 -17.97 26.26 3.94
CA HIS B 512 -16.62 26.70 3.54
C HIS B 512 -16.05 25.83 2.42
N PRO B 513 -15.62 26.41 1.29
CA PRO B 513 -14.96 25.61 0.25
C PRO B 513 -13.67 24.98 0.76
N ARG B 514 -13.48 23.70 0.42
CA ARG B 514 -12.35 22.82 0.78
C ARG B 514 -12.44 22.29 2.21
N SER B 515 -13.57 22.52 2.90
CA SER B 515 -13.74 22.00 4.26
C SER B 515 -14.04 20.51 4.28
N MET B 516 -14.60 19.96 3.21
CA MET B 516 -14.88 18.53 3.14
C MET B 516 -13.69 17.83 2.51
N ILE B 517 -13.03 16.97 3.27
CA ILE B 517 -11.80 16.29 2.83
C ILE B 517 -12.06 14.79 2.95
N THR B 518 -12.43 14.14 1.86
CA THR B 518 -12.98 12.79 1.98
C THR B 518 -12.73 12.04 0.67
N SER B 519 -12.63 10.71 0.79
CA SER B 519 -12.36 9.85 -0.36
C SER B 519 -13.68 9.41 -0.96
N GLY B 520 -13.97 9.86 -2.17
CA GLY B 520 -15.26 9.62 -2.78
C GLY B 520 -15.29 8.61 -3.90
N GLY B 521 -14.43 8.79 -4.91
CA GLY B 521 -14.47 7.90 -6.06
C GLY B 521 -13.93 6.51 -5.75
N LEU B 522 -12.72 6.45 -5.19
CA LEU B 522 -12.19 5.16 -4.77
C LEU B 522 -12.82 4.73 -3.46
N GLY B 523 -12.93 5.68 -2.52
CA GLY B 523 -13.51 5.39 -1.23
C GLY B 523 -12.64 4.53 -0.34
N THR B 524 -11.51 5.09 0.10
CA THR B 524 -10.44 4.35 0.74
C THR B 524 -10.59 4.48 2.26
N MET B 525 -11.15 3.46 2.90
CA MET B 525 -10.98 3.36 4.35
C MET B 525 -9.51 3.52 4.70
N GLY B 526 -9.22 4.26 5.77
CA GLY B 526 -7.88 4.61 6.14
C GLY B 526 -7.47 6.01 5.74
N TYR B 527 -8.26 6.65 4.86
CA TYR B 527 -7.95 7.99 4.37
C TYR B 527 -7.97 9.03 5.49
N GLY B 528 -8.91 8.91 6.40
CA GLY B 528 -9.24 10.00 7.30
C GLY B 528 -8.12 10.54 8.16
N LEU B 529 -7.52 9.67 8.98
CA LEU B 529 -6.48 10.16 9.87
C LEU B 529 -5.29 10.73 9.12
N PRO B 530 -4.67 10.03 8.15
CA PRO B 530 -3.55 10.67 7.44
C PRO B 530 -3.97 11.90 6.64
N ALA B 531 -5.16 11.89 6.01
CA ALA B 531 -5.61 13.09 5.29
C ALA B 531 -5.79 14.26 6.24
N ALA B 532 -6.35 14.00 7.42
CA ALA B 532 -6.50 15.06 8.41
C ALA B 532 -5.14 15.62 8.82
N ILE B 533 -4.13 14.75 8.94
CA ILE B 533 -2.81 15.20 9.36
C ILE B 533 -2.21 16.14 8.32
N GLY B 534 -2.27 15.74 7.06
CA GLY B 534 -1.82 16.61 5.97
C GLY B 534 -2.62 17.90 5.92
N ALA B 535 -3.92 17.81 6.18
CA ALA B 535 -4.78 19.00 6.18
C ALA B 535 -4.35 19.98 7.26
N LYS B 536 -4.10 19.49 8.46
CA LYS B 536 -3.61 20.35 9.54
C LYS B 536 -2.21 20.90 9.23
N VAL B 537 -1.37 20.13 8.52
CA VAL B 537 -0.07 20.66 8.08
C VAL B 537 -0.27 21.84 7.13
N ALA B 538 -1.22 21.72 6.20
CA ALA B 538 -1.50 22.82 5.28
C ALA B 538 -2.17 24.00 5.96
N GLN B 539 -2.97 23.77 6.98
CA GLN B 539 -3.75 24.82 7.64
C GLN B 539 -3.51 24.75 9.14
N PRO B 540 -2.31 25.13 9.58
CA PRO B 540 -1.94 24.93 10.99
C PRO B 540 -2.78 25.72 11.94
N ASP B 541 -3.45 26.77 11.47
CA ASP B 541 -4.25 27.65 12.29
C ASP B 541 -5.73 27.31 12.23
N ALA B 542 -6.09 26.22 11.57
CA ALA B 542 -7.48 25.82 11.48
C ALA B 542 -7.76 24.67 12.44
N LEU B 543 -9.05 24.52 12.75
CA LEU B 543 -9.54 23.33 13.42
C LEU B 543 -9.71 22.22 12.39
N VAL B 544 -9.02 21.09 12.57
CA VAL B 544 -9.15 19.96 11.65
C VAL B 544 -9.62 18.74 12.45
N ILE B 545 -10.75 18.17 12.06
CA ILE B 545 -11.31 17.00 12.71
C ILE B 545 -11.32 15.84 11.73
N ASP B 546 -10.89 14.67 12.21
CA ASP B 546 -11.05 13.41 11.49
C ASP B 546 -12.24 12.67 12.11
N VAL B 547 -13.35 12.66 11.39
CA VAL B 547 -14.55 11.93 11.76
C VAL B 547 -14.42 10.54 11.13
N ASP B 548 -14.06 9.56 11.94
CA ASP B 548 -13.53 8.29 11.45
C ASP B 548 -14.32 7.14 12.05
N GLY B 549 -14.90 6.30 11.20
CA GLY B 549 -15.45 5.04 11.67
C GLY B 549 -14.37 4.11 12.19
N ASP B 550 -14.76 3.15 13.03
CA ASP B 550 -13.74 2.37 13.73
C ASP B 550 -12.98 1.43 12.78
N ALA B 551 -13.68 0.75 11.87
CA ALA B 551 -12.98 -0.10 10.93
C ALA B 551 -12.02 0.71 10.07
N SER B 552 -12.50 1.81 9.49
CA SER B 552 -11.64 2.71 8.72
C SER B 552 -10.43 3.13 9.54
N PHE B 553 -10.66 3.53 10.78
CA PHE B 553 -9.57 4.03 11.61
C PHE B 553 -8.60 2.92 12.00
N ASN B 554 -9.10 1.68 12.13
CA ASN B 554 -8.20 0.56 12.39
C ASN B 554 -7.19 0.36 11.25
N MET B 555 -7.50 0.87 10.05
CA MET B 555 -6.66 0.62 8.90
C MET B 555 -5.33 1.36 9.00
N THR B 556 -5.35 2.64 9.42
CA THR B 556 -4.15 3.46 9.39
C THR B 556 -3.86 4.09 10.75
N LEU B 557 -4.44 3.55 11.83
CA LEU B 557 -4.30 4.17 13.14
C LEU B 557 -2.84 4.31 13.58
N THR B 558 -1.89 3.60 12.96
CA THR B 558 -0.50 3.77 13.34
C THR B 558 -0.01 5.20 13.13
N GLU B 559 -0.66 5.98 12.24
CA GLU B 559 -0.19 7.34 11.98
C GLU B 559 -0.43 8.31 13.13
N LEU B 560 -1.15 7.90 14.19
CA LEU B 560 -1.21 8.71 15.41
C LEU B 560 0.18 9.06 15.91
N SER B 561 1.12 8.13 15.75
CA SER B 561 2.51 8.41 16.10
C SER B 561 3.05 9.59 15.31
N THR B 562 2.60 9.73 14.06
CA THR B 562 3.06 10.86 13.26
C THR B 562 2.55 12.17 13.84
N ALA B 563 1.25 12.24 14.16
CA ALA B 563 0.71 13.42 14.81
C ALA B 563 1.44 13.73 16.12
N ALA B 564 1.82 12.69 16.87
CA ALA B 564 2.43 12.92 18.18
C ALA B 564 3.88 13.36 18.03
N GLN B 565 4.65 12.69 17.17
CA GLN B 565 6.05 13.04 17.01
C GLN B 565 6.22 14.47 16.52
N PHE B 566 5.35 14.89 15.61
CA PHE B 566 5.44 16.20 15.01
C PHE B 566 4.49 17.21 15.64
N ASN B 567 3.64 16.76 16.58
CA ASN B 567 2.72 17.64 17.29
C ASN B 567 1.78 18.34 16.31
N ILE B 568 1.18 17.56 15.43
CA ILE B 568 0.25 18.07 14.44
C ILE B 568 -1.15 17.96 15.06
N GLY B 569 -1.76 19.11 15.36
CA GLY B 569 -2.90 19.17 16.26
C GLY B 569 -4.23 18.69 15.74
N VAL B 570 -4.27 17.56 15.04
CA VAL B 570 -5.55 17.04 14.52
C VAL B 570 -6.41 16.57 15.69
N LYS B 571 -7.72 16.69 15.51
CA LYS B 571 -8.68 16.15 16.46
C LYS B 571 -9.35 14.93 15.84
N VAL B 572 -9.40 13.84 16.56
CA VAL B 572 -9.89 12.57 16.02
C VAL B 572 -11.13 12.16 16.80
N VAL B 573 -12.18 11.80 16.08
CA VAL B 573 -13.43 11.32 16.64
C VAL B 573 -13.61 9.93 16.08
N VAL B 574 -13.46 8.92 16.93
CA VAL B 574 -13.58 7.52 16.52
C VAL B 574 -14.96 7.04 16.94
N LEU B 575 -15.78 6.69 15.95
CA LEU B 575 -17.13 6.19 16.17
C LEU B 575 -17.03 4.68 16.34
N ASN B 576 -17.04 4.25 17.59
CA ASN B 576 -16.87 2.85 17.94
C ASN B 576 -18.25 2.19 18.02
N ASN B 577 -18.64 1.48 16.95
CA ASN B 577 -19.83 0.66 16.97
C ASN B 577 -19.54 -0.83 16.75
N GLU B 578 -18.27 -1.20 16.58
CA GLU B 578 -17.85 -2.61 16.44
C GLU B 578 -18.49 -3.29 15.24
N GLU B 579 -18.76 -2.54 14.18
CA GLU B 579 -19.28 -3.17 12.98
C GLU B 579 -18.85 -2.37 11.76
N GLN B 580 -18.82 -3.05 10.63
CA GLN B 580 -18.55 -2.42 9.35
C GLN B 580 -19.90 -1.94 8.82
N GLY B 581 -20.31 -0.79 9.34
CA GLY B 581 -21.70 -0.35 9.24
C GLY B 581 -22.23 -0.32 7.83
N MET B 582 -21.45 0.23 6.89
CA MET B 582 -21.94 0.34 5.52
C MET B 582 -22.16 -1.03 4.89
N VAL B 583 -21.25 -2.00 5.11
CA VAL B 583 -21.48 -3.29 4.47
C VAL B 583 -22.55 -4.09 5.20
N THR B 584 -22.72 -3.91 6.52
CA THR B 584 -23.81 -4.60 7.18
C THR B 584 -25.16 -3.95 6.85
N GLN B 585 -25.17 -2.64 6.54
CA GLN B 585 -26.36 -2.04 5.94
C GLN B 585 -26.68 -2.70 4.61
N TRP B 586 -25.66 -2.98 3.80
CA TRP B 586 -25.88 -3.64 2.52
C TRP B 586 -26.26 -5.12 2.71
N GLN B 587 -25.61 -5.81 3.64
CA GLN B 587 -25.92 -7.21 3.92
C GLN B 587 -27.27 -7.37 4.61
N ASN B 588 -27.81 -6.31 5.18
CA ASN B 588 -29.16 -6.35 5.73
C ASN B 588 -30.22 -6.01 4.69
N LEU B 589 -29.90 -5.13 3.74
CA LEU B 589 -30.80 -4.81 2.64
C LEU B 589 -30.78 -5.90 1.56
N PHE B 590 -29.60 -6.40 1.20
CA PHE B 590 -29.46 -7.24 0.02
C PHE B 590 -29.18 -8.71 0.33
N TYR B 591 -28.79 -9.07 1.55
CA TYR B 591 -28.51 -10.47 1.88
C TYR B 591 -29.08 -10.83 3.25
N TYR B 595 -24.77 -11.16 7.58
CA TYR B 595 -23.54 -10.52 8.05
C TYR B 595 -22.38 -11.49 7.96
N HIS B 599 -17.99 -7.00 11.06
CA HIS B 599 -18.26 -7.30 12.47
C HIS B 599 -17.00 -7.65 13.27
N GLN B 600 -16.15 -6.65 13.51
CA GLN B 600 -14.85 -6.87 14.14
C GLN B 600 -14.78 -6.18 15.51
N ARG B 601 -13.87 -6.68 16.35
CA ARG B 601 -13.69 -6.18 17.71
C ARG B 601 -12.44 -5.31 17.80
N ASN B 602 -12.55 -4.20 18.51
CA ASN B 602 -11.56 -3.14 18.42
C ASN B 602 -10.51 -3.25 19.53
N PRO B 603 -9.35 -2.66 19.32
CA PRO B 603 -8.45 -2.43 20.45
C PRO B 603 -9.11 -1.53 21.47
N ASP B 604 -8.45 -1.26 22.59
CA ASP B 604 -8.90 -0.27 23.57
C ASP B 604 -8.34 1.08 23.14
N PHE B 605 -9.22 1.97 22.65
CA PHE B 605 -8.77 3.22 22.06
C PHE B 605 -8.24 4.21 23.08
N MET B 606 -8.61 4.08 24.36
CA MET B 606 -7.98 4.91 25.37
C MET B 606 -6.56 4.45 25.67
N LYS B 607 -6.38 3.14 25.83
CA LYS B 607 -5.03 2.60 25.98
C LYS B 607 -4.18 2.88 24.76
N LEU B 608 -4.72 2.64 23.56
CA LEU B 608 -3.98 2.92 22.33
C LEU B 608 -3.57 4.38 22.25
N ALA B 609 -4.54 5.29 22.39
CA ALA B 609 -4.21 6.70 22.37
C ALA B 609 -3.18 7.04 23.45
N ASP B 610 -3.26 6.39 24.60
CA ASP B 610 -2.23 6.57 25.62
C ASP B 610 -0.88 6.09 25.12
N ALA B 611 -0.85 4.91 24.50
CA ALA B 611 0.38 4.36 23.93
C ALA B 611 0.98 5.29 22.90
N MET B 612 0.14 6.00 22.15
CA MET B 612 0.66 6.86 21.08
C MET B 612 0.99 8.26 21.57
N GLY B 613 0.71 8.57 22.83
CA GLY B 613 1.02 9.88 23.39
C GLY B 613 0.05 10.97 22.97
N ILE B 614 -1.23 10.62 22.82
CA ILE B 614 -2.29 11.53 22.41
C ILE B 614 -3.25 11.73 23.57
N GLN B 615 -3.59 12.99 23.87
CA GLN B 615 -4.74 13.30 24.72
C GLN B 615 -5.96 12.47 24.31
N HIS B 616 -6.69 11.94 25.28
CA HIS B 616 -7.77 11.06 24.89
C HIS B 616 -8.89 11.10 25.93
N GLN B 617 -10.14 11.04 25.45
CA GLN B 617 -11.30 10.76 26.31
C GLN B 617 -12.23 9.80 25.60
N ARG B 618 -13.09 9.17 26.39
CA ARG B 618 -14.12 8.25 25.94
C ARG B 618 -15.48 8.80 26.36
N VAL B 619 -16.52 8.51 25.58
CA VAL B 619 -17.85 9.00 25.92
C VAL B 619 -18.91 8.08 25.33
N ALA B 620 -19.79 7.60 26.17
CA ALA B 620 -20.92 6.79 25.71
C ALA B 620 -22.28 7.28 26.17
N GLU B 621 -22.34 8.25 27.08
CA GLU B 621 -23.67 8.68 27.52
C GLU B 621 -24.12 9.87 26.68
N PRO B 622 -25.33 9.81 26.08
CA PRO B 622 -25.84 10.96 25.30
C PRO B 622 -25.69 12.31 25.99
N ASP B 623 -26.03 12.40 27.27
CA ASP B 623 -25.92 13.68 28.00
C ASP B 623 -24.49 14.20 28.06
N LYS B 624 -23.49 13.35 27.86
CA LYS B 624 -22.10 13.77 28.00
C LYS B 624 -21.47 14.17 26.66
N LEU B 625 -22.10 13.82 25.54
CA LEU B 625 -21.53 14.04 24.22
C LEU B 625 -21.03 15.47 24.01
N VAL B 626 -21.91 16.46 24.19
CA VAL B 626 -21.56 17.84 23.84
C VAL B 626 -20.31 18.29 24.58
N ASP B 627 -20.23 17.97 25.88
CA ASP B 627 -19.08 18.42 26.66
C ASP B 627 -17.82 17.67 26.26
N ALA B 628 -17.94 16.39 25.91
CA ALA B 628 -16.81 15.64 25.37
C ALA B 628 -16.27 16.32 24.14
N LEU B 629 -17.17 16.75 23.24
CA LEU B 629 -16.75 17.41 22.01
C LEU B 629 -16.12 18.77 22.30
N LYS B 630 -16.62 19.48 23.31
CA LYS B 630 -16.00 20.76 23.67
C LYS B 630 -14.59 20.53 24.18
N TRP B 631 -14.37 19.45 24.93
CA TRP B 631 -13.02 19.15 25.37
C TRP B 631 -12.11 18.91 24.16
N LEU B 632 -12.58 18.08 23.22
CA LEU B 632 -11.77 17.75 22.06
C LEU B 632 -11.36 19.00 21.28
N ILE B 633 -12.33 19.86 20.94
CA ILE B 633 -11.98 20.97 20.04
C ILE B 633 -11.24 22.10 20.75
N ASN B 634 -11.11 22.05 22.08
CA ASN B 634 -10.34 23.06 22.79
C ASN B 634 -8.99 22.56 23.30
N THR B 635 -8.65 21.29 23.08
CA THR B 635 -7.32 20.80 23.45
C THR B 635 -6.23 21.50 22.64
N ASP B 636 -5.01 21.50 23.18
CA ASP B 636 -3.83 21.92 22.44
C ASP B 636 -3.05 20.69 21.99
N GLY B 637 -2.69 20.66 20.71
CA GLY B 637 -2.00 19.51 20.16
C GLY B 637 -3.00 18.45 19.71
N PRO B 638 -2.49 17.27 19.33
CA PRO B 638 -3.41 16.23 18.84
C PRO B 638 -4.20 15.59 19.98
N ALA B 639 -5.48 15.35 19.72
CA ALA B 639 -6.38 14.75 20.68
C ALA B 639 -7.27 13.74 19.97
N LEU B 640 -7.81 12.81 20.74
CA LEU B 640 -8.70 11.77 20.23
C LEU B 640 -9.84 11.60 21.21
N LEU B 641 -11.04 11.44 20.67
CA LEU B 641 -12.26 11.21 21.45
C LEU B 641 -12.94 10.00 20.86
N GLU B 642 -13.15 8.97 21.68
CA GLU B 642 -13.92 7.80 21.30
C GLU B 642 -15.38 8.05 21.63
N VAL B 643 -16.26 7.77 20.67
CA VAL B 643 -17.69 7.91 20.86
C VAL B 643 -18.27 6.54 20.64
N VAL B 644 -18.73 5.92 21.72
CA VAL B 644 -19.38 4.60 21.66
C VAL B 644 -20.80 4.82 21.17
N THR B 645 -21.08 4.40 19.94
CA THR B 645 -22.40 4.53 19.33
C THR B 645 -23.05 3.17 19.27
N ASP B 646 -24.35 3.13 18.99
CA ASP B 646 -24.89 1.79 18.87
C ASP B 646 -24.84 1.34 17.41
N LYS B 647 -25.08 0.05 17.22
CA LYS B 647 -24.92 -0.63 15.93
C LYS B 647 -26.23 -0.61 15.17
N LYS B 648 -26.15 -1.00 13.90
CA LYS B 648 -27.33 -1.16 13.04
C LYS B 648 -28.22 0.09 13.05
N VAL B 649 -27.60 1.26 12.93
CA VAL B 649 -28.32 2.52 12.72
C VAL B 649 -28.39 2.76 11.21
N PRO B 650 -29.55 3.05 10.64
CA PRO B 650 -29.63 3.24 9.19
C PRO B 650 -29.06 4.57 8.74
N VAL B 651 -28.61 4.61 7.49
CA VAL B 651 -28.29 5.85 6.80
C VAL B 651 -29.48 6.19 5.94
N LEU B 652 -30.19 7.26 6.29
CA LEU B 652 -31.43 7.65 5.62
C LEU B 652 -31.45 9.15 5.35
N PRO B 653 -32.05 9.58 4.22
CA PRO B 653 -32.62 8.65 3.24
C PRO B 653 -31.55 7.90 2.43
N MET B 654 -31.93 6.74 1.86
CA MET B 654 -31.09 5.98 0.96
C MET B 654 -31.87 5.69 -0.31
N VAL B 655 -31.19 5.79 -1.46
CA VAL B 655 -31.70 5.29 -2.74
C VAL B 655 -31.01 3.95 -3.00
N PRO B 656 -31.72 2.84 -2.78
CA PRO B 656 -31.09 1.52 -2.92
C PRO B 656 -30.73 1.22 -4.37
N ALA B 657 -29.91 0.18 -4.54
CA ALA B 657 -29.55 -0.27 -5.87
C ALA B 657 -30.79 -0.72 -6.63
N GLY B 658 -30.86 -0.35 -7.91
CA GLY B 658 -32.03 -0.63 -8.73
C GLY B 658 -33.13 0.43 -8.69
N SER B 659 -33.09 1.36 -7.74
CA SER B 659 -34.08 2.44 -7.64
C SER B 659 -33.58 3.70 -8.35
N ALA B 660 -34.54 4.57 -8.69
CA ALA B 660 -34.28 5.90 -9.20
C ALA B 660 -34.00 6.88 -8.05
N LEU B 661 -33.56 8.09 -8.41
CA LEU B 661 -33.22 9.08 -7.39
C LEU B 661 -34.43 9.52 -6.58
N HIS B 662 -35.65 9.43 -7.13
CA HIS B 662 -36.84 9.82 -6.39
C HIS B 662 -37.46 8.66 -5.61
N GLU B 663 -36.86 7.47 -5.67
CA GLU B 663 -37.36 6.26 -5.02
C GLU B 663 -36.61 5.96 -3.73
N PHE B 664 -36.31 7.01 -2.96
CA PHE B 664 -35.59 6.94 -1.71
C PHE B 664 -36.47 6.40 -0.59
N LEU B 665 -35.83 5.84 0.42
CA LEU B 665 -36.47 5.41 1.66
C LEU B 665 -35.99 6.32 2.79
N VAL B 666 -36.91 7.09 3.37
CA VAL B 666 -36.59 8.00 4.46
C VAL B 666 -37.05 7.40 5.79
N PHE B 667 -36.75 8.09 6.90
CA PHE B 667 -37.11 7.57 8.23
C PHE B 667 -38.60 7.79 8.55
N ASP B 668 -39.21 6.76 9.14
CA ASP B 668 -40.62 6.79 9.56
C ASP B 668 -40.77 6.43 11.04
#